data_9DR0
#
_entry.id   9DR0
#
_cell.length_a   54.475
_cell.length_b   82.972
_cell.length_c   74.566
_cell.angle_alpha   90.000
_cell.angle_beta   90.890
_cell.angle_gamma   90.000
#
_symmetry.space_group_name_H-M   'P 1 21 1'
#
loop_
_entity.id
_entity.type
_entity.pdbx_description
1 polymer 'Hare calicivirus protruding domain'
2 non-polymer 1,2-ETHANEDIOL
3 non-polymer 'ACETIC ACID'
4 water water
#
_entity_poly.entity_id   1
_entity_poly.type   'polypeptide(L)'
_entity_poly.pdbx_seq_one_letter_code
;SRTVESASPAGLLTTPVLTGAGSDNRWGAQIVALQPVPSGFSTCNRHWNLNGSTFGWSSPRFSDIDHPRGNASYTGTGST
NVIETWYANTGTATNNPISNIAPDGFPDMGAIGFSGQTIPTGGWVGFGEVWNVANGSPYNGTVQAYELGFATGAPNSINP
ATTTVGTQIVAKSIYGVAIGQNQQTAGLFVLSTGIVSTSGPNATTYTPQPNSIVVAPGTPAAAPIGRNVPVMFSGVIRRA
GDINAGAGSVNGTQYGVGSQPISVTLQLSLTNYSSSLQPGQFFVWQLNFASGFLEIGLNVDGYFYIGAGASSNMIELTEL
IDVRPVGVRPNTSTLVFNL
;
_entity_poly.pdbx_strand_id   A,B
#
loop_
_chem_comp.id
_chem_comp.type
_chem_comp.name
_chem_comp.formula
ACY non-polymer 'ACETIC ACID' 'C2 H4 O2'
EDO non-polymer 1,2-ETHANEDIOL 'C2 H6 O2'
#
# COMPACT_ATOMS: atom_id res chain seq x y z
N SER A 8 12.40 25.79 -5.69
CA SER A 8 13.08 25.63 -4.40
C SER A 8 12.80 24.26 -3.80
N PRO A 9 13.84 23.62 -3.27
CA PRO A 9 13.64 22.34 -2.57
C PRO A 9 12.87 22.46 -1.28
N ALA A 10 12.55 23.68 -0.84
CA ALA A 10 12.08 23.85 0.52
C ALA A 10 10.81 23.06 0.79
N GLY A 11 9.94 22.98 -0.22
CA GLY A 11 8.68 22.27 -0.04
C GLY A 11 8.78 20.75 0.01
N LEU A 12 9.98 20.20 -0.18
CA LEU A 12 10.13 18.74 -0.15
C LEU A 12 9.91 18.18 1.25
N LEU A 13 10.28 18.92 2.29
CA LEU A 13 10.15 18.47 3.66
C LEU A 13 9.29 19.51 4.38
N THR A 14 8.10 19.09 4.81
CA THR A 14 7.20 19.95 5.55
C THR A 14 6.76 19.20 6.80
N THR A 15 6.15 19.94 7.71
CA THR A 15 5.81 19.38 9.02
C THR A 15 5.01 18.07 8.94
N PRO A 16 3.96 17.96 8.12
CA PRO A 16 3.18 16.70 8.08
C PRO A 16 4.03 15.48 7.76
N VAL A 17 5.04 15.65 6.91
CA VAL A 17 5.83 14.50 6.47
C VAL A 17 6.46 13.79 7.66
N LEU A 18 6.82 14.54 8.70
CA LEU A 18 7.54 13.99 9.84
C LEU A 18 6.71 13.93 11.11
N THR A 19 5.48 14.45 11.12
CA THR A 19 4.68 14.40 12.33
C THR A 19 3.52 13.41 12.25
N GLY A 20 3.50 12.56 11.24
CA GLY A 20 2.58 11.44 11.29
C GLY A 20 1.99 11.11 9.94
N ALA A 21 2.01 12.04 8.99
CA ALA A 21 1.39 11.80 7.70
C ALA A 21 2.35 11.30 6.64
N GLY A 22 3.63 11.10 6.97
CA GLY A 22 4.59 10.61 6.01
C GLY A 22 4.79 9.10 6.08
N SER A 23 5.28 8.55 4.97
CA SER A 23 5.54 7.12 4.85
C SER A 23 6.91 6.93 4.20
N ASP A 24 7.60 5.86 4.55
CA ASP A 24 8.92 5.68 3.96
C ASP A 24 8.80 5.00 2.62
N ASN A 25 9.85 5.16 1.81
CA ASN A 25 9.83 4.72 0.41
C ASN A 25 10.19 3.24 0.22
N ARG A 26 10.38 2.47 1.28
CA ARG A 26 10.67 1.04 1.14
C ARG A 26 9.55 0.16 1.68
N TRP A 27 9.04 0.48 2.85
CA TRP A 27 7.98 -0.26 3.51
C TRP A 27 6.64 0.44 3.45
N GLY A 28 6.62 1.74 3.15
CA GLY A 28 5.37 2.49 3.22
C GLY A 28 4.88 2.69 4.64
N ALA A 29 5.74 2.49 5.64
CA ALA A 29 5.33 2.60 7.03
C ALA A 29 5.26 4.07 7.45
N GLN A 30 4.43 4.34 8.45
CA GLN A 30 4.31 5.69 9.00
C GLN A 30 5.63 6.12 9.64
N ILE A 31 6.16 7.26 9.17
CA ILE A 31 7.46 7.71 9.65
C ILE A 31 7.30 8.27 11.06
N VAL A 32 7.98 7.66 12.03
CA VAL A 32 7.94 8.09 13.42
C VAL A 32 9.32 8.29 14.03
N ALA A 33 10.39 8.03 13.29
CA ALA A 33 11.71 8.23 13.86
C ALA A 33 12.70 8.43 12.73
N LEU A 34 13.87 8.97 13.09
CA LEU A 34 14.99 9.08 12.18
C LEU A 34 16.06 8.10 12.65
N GLN A 35 16.70 7.42 11.70
CA GLN A 35 17.73 6.42 11.98
C GLN A 35 19.07 6.88 11.39
N PRO A 36 19.97 7.45 12.20
CA PRO A 36 21.29 7.82 11.68
C PRO A 36 22.08 6.59 11.30
N VAL A 37 22.93 6.74 10.29
CA VAL A 37 23.74 5.61 9.81
C VAL A 37 25.18 6.09 9.70
N PRO A 38 25.94 6.06 10.79
CA PRO A 38 27.31 6.60 10.75
C PRO A 38 28.25 5.90 9.79
N SER A 39 27.99 4.64 9.42
CA SER A 39 28.82 4.00 8.41
C SER A 39 28.56 4.53 7.01
N GLY A 40 27.44 5.24 6.78
CA GLY A 40 26.93 5.45 5.44
C GLY A 40 26.22 4.22 4.88
N PHE A 41 25.54 4.43 3.76
CA PHE A 41 24.81 3.35 3.08
C PHE A 41 24.53 3.79 1.65
N SER A 42 24.00 2.87 0.83
CA SER A 42 23.51 3.24 -0.50
C SER A 42 22.09 2.75 -0.65
N THR A 43 21.29 3.45 -1.47
CA THR A 43 19.97 2.94 -1.84
C THR A 43 19.67 3.43 -3.25
N CYS A 44 19.09 2.55 -4.08
CA CYS A 44 18.67 3.06 -5.39
C CYS A 44 17.21 2.78 -5.70
N ASN A 45 16.64 1.71 -5.17
CA ASN A 45 15.27 1.35 -5.52
C ASN A 45 14.26 2.28 -4.87
N ARG A 46 13.36 2.81 -5.69
CA ARG A 46 12.37 3.80 -5.27
C ARG A 46 13.03 5.00 -4.61
N HIS A 47 14.24 5.32 -5.04
CA HIS A 47 14.98 6.47 -4.55
C HIS A 47 15.27 7.39 -5.74
N TRP A 48 14.88 8.66 -5.63
CA TRP A 48 15.12 9.62 -6.70
C TRP A 48 16.19 10.65 -6.29
N ASN A 49 16.97 11.15 -7.25
CA ASN A 49 17.87 12.26 -6.97
C ASN A 49 17.24 13.60 -7.40
N LEU A 50 18.01 14.66 -7.27
CA LEU A 50 17.48 15.98 -7.61
C LEU A 50 17.65 16.29 -9.09
N ASN A 51 18.00 15.31 -9.90
CA ASN A 51 18.02 15.44 -11.35
C ASN A 51 16.94 14.58 -12.00
N GLY A 52 15.80 14.41 -11.31
CA GLY A 52 14.65 13.67 -11.80
C GLY A 52 14.89 12.20 -12.12
N SER A 53 15.90 11.57 -11.52
CA SER A 53 16.36 10.28 -11.98
C SER A 53 16.49 9.28 -10.83
N THR A 54 16.32 8.01 -11.20
CA THR A 54 16.55 6.89 -10.30
C THR A 54 17.55 5.92 -10.92
N PHE A 55 18.32 5.23 -10.07
CA PHE A 55 19.13 4.09 -10.50
C PHE A 55 18.43 2.77 -10.24
N GLY A 56 17.23 2.79 -9.67
CA GLY A 56 16.50 1.58 -9.31
C GLY A 56 15.55 1.10 -10.40
N TRP A 57 14.67 0.20 -9.99
CA TRP A 57 13.78 -0.49 -10.91
C TRP A 57 12.32 -0.29 -10.53
N SER A 58 12.02 0.63 -9.61
CA SER A 58 10.64 0.80 -9.15
C SER A 58 10.13 2.23 -9.32
N SER A 59 8.82 2.35 -9.56
CA SER A 59 8.22 3.67 -9.61
C SER A 59 7.94 4.19 -8.21
N PRO A 60 7.69 5.50 -8.07
CA PRO A 60 7.49 6.10 -6.75
C PRO A 60 6.09 5.86 -6.21
N ARG A 61 5.52 4.72 -6.55
CA ARG A 61 4.33 4.23 -5.90
C ARG A 61 4.58 2.79 -5.48
N PHE A 62 3.67 2.22 -4.74
CA PHE A 62 3.84 0.85 -4.26
C PHE A 62 3.10 -0.08 -5.19
N SER A 63 3.82 -0.54 -6.21
CA SER A 63 3.31 -1.46 -7.21
C SER A 63 3.31 -2.87 -6.62
N ASP A 64 2.29 -3.67 -6.96
CA ASP A 64 2.47 -5.09 -6.72
C ASP A 64 3.61 -5.61 -7.60
N ILE A 65 4.03 -6.85 -7.33
CA ILE A 65 5.22 -7.43 -7.91
C ILE A 65 4.79 -8.56 -8.84
N ASP A 66 5.14 -8.46 -10.12
CA ASP A 66 4.73 -9.47 -11.08
CA ASP A 66 4.75 -9.49 -11.06
C ASP A 66 5.90 -9.74 -12.02
N HIS A 67 6.29 -11.01 -12.16
CA HIS A 67 7.33 -11.39 -13.11
C HIS A 67 6.77 -12.54 -13.93
N PRO A 68 6.87 -12.49 -15.25
CA PRO A 68 6.19 -13.50 -16.08
C PRO A 68 6.98 -14.75 -16.38
N ARG A 69 8.26 -14.86 -16.00
CA ARG A 69 9.01 -16.03 -16.44
C ARG A 69 10.08 -16.38 -15.40
N GLY A 70 9.77 -17.35 -14.53
CA GLY A 70 10.74 -17.89 -13.62
C GLY A 70 10.60 -19.39 -13.51
N ASN A 71 11.48 -19.98 -12.72
CA ASN A 71 11.44 -21.41 -12.45
C ASN A 71 10.80 -21.63 -11.09
N ALA A 72 9.78 -22.48 -11.02
CA ALA A 72 9.14 -22.79 -9.74
C ALA A 72 9.37 -24.24 -9.34
N SER A 73 9.70 -24.47 -8.06
CA SER A 73 9.94 -25.84 -7.61
C SER A 73 9.65 -25.98 -6.13
N TYR A 74 9.53 -27.22 -5.69
CA TYR A 74 9.43 -27.46 -4.27
C TYR A 74 10.34 -28.61 -3.89
N THR A 75 10.68 -28.64 -2.63
CA THR A 75 11.47 -29.71 -2.06
C THR A 75 10.55 -30.49 -1.13
N GLY A 76 10.33 -31.76 -1.46
CA GLY A 76 9.35 -32.60 -0.78
C GLY A 76 9.39 -32.56 0.74
N GLY A 78 6.50 -35.09 0.36
CA GLY A 78 5.66 -35.22 -0.82
C GLY A 78 5.39 -33.89 -1.50
N SER A 79 4.12 -33.63 -1.87
CA SER A 79 3.77 -32.41 -2.58
C SER A 79 2.87 -31.45 -1.80
N THR A 80 2.49 -31.80 -0.57
CA THR A 80 1.64 -30.94 0.26
C THR A 80 2.43 -30.39 1.45
N ASN A 81 2.16 -29.13 1.82
CA ASN A 81 2.82 -28.51 2.96
C ASN A 81 4.34 -28.53 2.78
N VAL A 82 4.78 -27.95 1.65
CA VAL A 82 6.15 -28.00 1.22
C VAL A 82 6.60 -26.58 0.94
N ILE A 83 7.91 -26.36 1.00
CA ILE A 83 8.46 -25.05 0.71
C ILE A 83 8.60 -24.87 -0.79
N GLU A 84 8.03 -23.78 -1.30
CA GLU A 84 8.00 -23.47 -2.73
C GLU A 84 9.02 -22.38 -3.02
N THR A 85 9.85 -22.58 -4.05
CA THR A 85 10.85 -21.59 -4.42
C THR A 85 10.66 -21.18 -5.87
N TRP A 86 10.68 -19.87 -6.14
CA TRP A 86 10.62 -19.34 -7.49
C TRP A 86 11.86 -18.51 -7.71
N TYR A 87 12.49 -18.59 -8.88
CA TYR A 87 13.62 -17.68 -9.10
C TYR A 87 13.80 -17.39 -10.58
N ALA A 88 14.54 -16.32 -10.86
CA ALA A 88 14.89 -15.93 -12.22
C ALA A 88 16.19 -15.15 -12.14
N ASN A 89 16.83 -14.92 -13.28
CA ASN A 89 18.00 -14.05 -13.27
C ASN A 89 17.58 -12.59 -13.13
N THR A 90 18.47 -11.79 -12.55
CA THR A 90 18.28 -10.35 -12.77
C THR A 90 18.38 -10.02 -14.26
N GLY A 91 17.74 -8.91 -14.63
CA GLY A 91 17.74 -8.41 -15.98
C GLY A 91 16.73 -9.09 -16.87
N THR A 92 15.76 -9.81 -16.30
CA THR A 92 14.74 -10.50 -17.09
C THR A 92 13.34 -9.94 -16.90
N ALA A 93 13.22 -8.79 -16.20
CA ALA A 93 11.90 -8.18 -15.99
C ALA A 93 11.57 -7.33 -17.22
N THR A 94 11.32 -8.03 -18.35
CA THR A 94 11.31 -7.36 -19.65
C THR A 94 10.07 -6.50 -19.85
N ASN A 95 9.06 -6.62 -18.99
CA ASN A 95 7.87 -5.78 -19.06
C ASN A 95 7.92 -4.57 -18.14
N ASN A 96 9.07 -4.31 -17.49
CA ASN A 96 9.20 -3.18 -16.59
C ASN A 96 9.81 -2.03 -17.36
N PRO A 97 9.11 -0.91 -17.56
CA PRO A 97 9.67 0.16 -18.40
C PRO A 97 10.80 0.93 -17.76
N ILE A 98 10.96 0.85 -16.43
CA ILE A 98 12.03 1.59 -15.77
C ILE A 98 13.36 0.90 -15.95
N SER A 99 13.36 -0.42 -15.80
CA SER A 99 14.57 -1.21 -15.75
C SER A 99 14.17 -2.65 -15.90
N ASN A 100 14.98 -3.47 -16.58
CA ASN A 100 14.71 -4.90 -16.61
C ASN A 100 15.38 -5.64 -15.46
N ILE A 101 15.96 -4.91 -14.49
CA ILE A 101 16.70 -5.59 -13.42
C ILE A 101 15.78 -6.54 -12.68
N ALA A 102 14.60 -6.05 -12.31
CA ALA A 102 13.68 -6.79 -11.47
C ALA A 102 12.31 -6.16 -11.64
N PRO A 103 11.25 -6.86 -11.26
CA PRO A 103 9.92 -6.26 -11.39
C PRO A 103 9.82 -4.98 -10.59
N ASP A 104 9.02 -4.05 -11.09
CA ASP A 104 8.67 -2.87 -10.32
C ASP A 104 8.13 -3.31 -8.95
N GLY A 105 8.72 -2.81 -7.86
CA GLY A 105 8.30 -3.19 -6.54
C GLY A 105 9.14 -4.27 -5.88
N PHE A 106 9.93 -5.02 -6.65
CA PHE A 106 10.69 -6.09 -6.03
C PHE A 106 11.62 -5.46 -4.99
N PRO A 107 11.77 -6.07 -3.82
CA PRO A 107 12.50 -5.38 -2.73
C PRO A 107 14.00 -5.38 -2.97
N ASP A 108 14.65 -4.28 -2.59
CA ASP A 108 16.11 -4.15 -2.73
C ASP A 108 16.84 -4.77 -1.55
N MET A 109 16.56 -6.02 -1.23
CA MET A 109 17.18 -6.67 -0.10
C MET A 109 17.70 -8.03 -0.50
N GLY A 110 18.76 -8.47 0.19
CA GLY A 110 19.24 -9.84 -0.01
C GLY A 110 18.25 -10.87 0.51
N ALA A 111 18.13 -11.98 -0.22
CA ALA A 111 17.33 -13.14 0.22
C ALA A 111 18.22 -14.03 1.07
N ILE A 112 17.78 -14.29 2.28
CA ILE A 112 18.53 -15.11 3.22
C ILE A 112 18.03 -16.55 3.18
N GLY A 113 18.97 -17.52 3.26
CA GLY A 113 18.59 -18.92 3.34
C GLY A 113 18.12 -19.34 4.74
N PHE A 114 17.54 -20.53 4.83
CA PHE A 114 17.07 -21.06 6.12
C PHE A 114 18.25 -21.45 7.04
N SER A 115 17.94 -21.64 8.33
CA SER A 115 18.88 -22.20 9.31
C SER A 115 18.25 -23.51 9.81
N GLY A 116 18.53 -24.60 9.11
CA GLY A 116 17.79 -25.82 9.39
C GLY A 116 16.35 -25.63 8.98
N GLN A 117 15.42 -25.88 9.90
CA GLN A 117 14.02 -25.55 9.63
C GLN A 117 13.64 -24.22 10.25
N THR A 118 14.62 -23.47 10.76
CA THR A 118 14.37 -22.13 11.27
C THR A 118 14.34 -21.13 10.11
N ILE A 119 13.24 -20.37 10.06
CA ILE A 119 12.97 -19.26 9.16
C ILE A 119 14.11 -18.24 9.23
N PRO A 120 14.50 -17.64 8.11
CA PRO A 120 15.56 -16.62 8.17
C PRO A 120 15.08 -15.41 8.95
N THR A 121 16.01 -14.71 9.57
CA THR A 121 15.72 -13.45 10.23
C THR A 121 16.09 -12.29 9.34
N GLY A 122 15.17 -11.35 9.18
CA GLY A 122 15.52 -10.10 8.56
C GLY A 122 15.24 -10.00 7.08
N GLY A 123 14.60 -10.95 6.50
CA GLY A 123 14.30 -10.83 5.09
C GLY A 123 12.96 -10.14 4.84
N TRP A 124 12.81 -9.63 3.62
CA TRP A 124 11.55 -9.01 3.22
C TRP A 124 10.57 -10.11 2.86
N VAL A 125 9.37 -10.08 3.46
CA VAL A 125 8.37 -11.10 3.22
C VAL A 125 7.10 -10.44 2.67
N GLY A 126 6.55 -11.02 1.60
CA GLY A 126 5.29 -10.58 1.07
C GLY A 126 4.41 -11.79 0.83
N PHE A 127 3.13 -11.53 0.63
CA PHE A 127 2.20 -12.61 0.33
C PHE A 127 1.97 -12.70 -1.17
N GLY A 128 1.97 -13.92 -1.67
CA GLY A 128 1.89 -14.06 -3.09
C GLY A 128 1.70 -15.48 -3.50
N GLU A 129 1.94 -15.73 -4.78
CA GLU A 129 1.67 -17.04 -5.36
C GLU A 129 2.42 -17.17 -6.67
N VAL A 130 2.53 -18.38 -7.15
CA VAL A 130 3.05 -18.56 -8.51
C VAL A 130 1.85 -18.77 -9.42
N TRP A 131 2.01 -18.45 -10.69
CA TRP A 131 0.87 -18.53 -11.61
C TRP A 131 1.28 -19.12 -12.96
N ASN A 132 0.27 -19.56 -13.70
CA ASN A 132 0.43 -20.36 -14.90
C ASN A 132 0.64 -19.46 -16.10
N VAL A 133 1.82 -19.54 -16.75
CA VAL A 133 2.10 -18.64 -17.85
C VAL A 133 1.23 -18.91 -19.09
N ALA A 134 0.54 -20.04 -19.14
CA ALA A 134 -0.33 -20.31 -20.28
C ALA A 134 -1.52 -19.35 -20.33
N ASN A 135 -2.06 -18.98 -19.15
CA ASN A 135 -3.35 -18.30 -19.13
C ASN A 135 -3.48 -17.27 -18.02
N GLY A 136 -2.45 -17.05 -17.19
CA GLY A 136 -2.56 -16.09 -16.10
C GLY A 136 -3.28 -16.59 -14.87
N SER A 137 -3.73 -17.83 -14.87
CA SER A 137 -4.45 -18.32 -13.68
C SER A 137 -3.46 -18.72 -12.58
N PRO A 138 -3.78 -18.44 -11.33
CA PRO A 138 -2.85 -18.82 -10.25
C PRO A 138 -2.84 -20.32 -10.04
N TYR A 139 -1.69 -20.82 -9.59
CA TYR A 139 -1.63 -22.14 -8.97
C TYR A 139 -2.09 -21.90 -7.55
N ASN A 140 -3.36 -22.18 -7.26
CA ASN A 140 -4.02 -21.71 -6.04
CA ASN A 140 -3.90 -21.60 -6.04
C ASN A 140 -3.39 -22.29 -4.77
N GLY A 141 -2.80 -23.46 -4.88
CA GLY A 141 -2.21 -24.10 -3.75
C GLY A 141 -0.82 -23.61 -3.43
N THR A 142 -0.35 -22.54 -4.11
CA THR A 142 1.00 -22.03 -3.86
C THR A 142 0.95 -20.70 -3.11
N VAL A 143 -0.23 -20.24 -2.72
CA VAL A 143 -0.31 -19.02 -1.93
C VAL A 143 0.45 -19.20 -0.64
N GLN A 144 1.27 -18.20 -0.28
CA GLN A 144 1.94 -18.27 1.03
C GLN A 144 2.61 -16.93 1.25
N ALA A 145 3.23 -16.81 2.42
CA ALA A 145 4.19 -15.77 2.70
C ALA A 145 5.53 -16.18 2.09
N TYR A 146 6.10 -15.33 1.24
CA TYR A 146 7.37 -15.61 0.57
C TYR A 146 8.41 -14.58 0.97
N GLU A 147 9.62 -15.04 1.25
CA GLU A 147 10.73 -14.11 1.38
C GLU A 147 11.22 -13.79 -0.02
N LEU A 148 11.31 -12.51 -0.38
CA LEU A 148 11.85 -12.10 -1.68
C LEU A 148 13.17 -11.38 -1.51
N GLY A 149 14.10 -11.61 -2.41
CA GLY A 149 15.31 -10.80 -2.37
C GLY A 149 16.23 -11.23 -3.50
N PHE A 150 17.42 -10.62 -3.49
CA PHE A 150 18.45 -10.95 -4.48
C PHE A 150 19.41 -11.96 -3.87
N ALA A 151 19.92 -12.88 -4.69
CA ALA A 151 20.71 -13.97 -4.13
C ALA A 151 21.59 -14.58 -5.23
N THR A 152 22.49 -15.45 -4.79
CA THR A 152 23.09 -16.45 -5.67
C THR A 152 22.76 -17.80 -5.07
N GLY A 153 22.91 -18.83 -5.88
CA GLY A 153 22.70 -20.18 -5.37
C GLY A 153 21.27 -20.67 -5.41
N ALA A 154 20.36 -19.95 -6.04
CA ALA A 154 18.98 -20.43 -6.09
C ALA A 154 18.90 -21.66 -7.01
N PRO A 155 17.97 -22.59 -6.73
CA PRO A 155 16.90 -22.48 -5.72
C PRO A 155 17.24 -22.96 -4.32
N ASN A 156 18.19 -23.87 -4.19
CA ASN A 156 18.34 -24.66 -2.98
C ASN A 156 19.60 -24.38 -2.16
N SER A 157 20.44 -23.42 -2.56
CA SER A 157 21.59 -23.05 -1.74
C SER A 157 21.73 -21.54 -1.74
N ILE A 158 20.66 -20.83 -1.33
CA ILE A 158 20.67 -19.38 -1.55
C ILE A 158 21.58 -18.70 -0.54
N ASN A 159 22.30 -17.69 -1.02
CA ASN A 159 23.07 -16.78 -0.21
C ASN A 159 22.69 -15.39 -0.68
N PRO A 160 22.48 -14.47 0.24
CA PRO A 160 22.06 -13.13 -0.15
C PRO A 160 23.12 -12.43 -0.99
N ALA A 161 22.65 -11.61 -1.92
CA ALA A 161 23.53 -10.80 -2.74
C ALA A 161 23.22 -9.34 -2.48
N THR A 162 24.20 -8.45 -2.75
CA THR A 162 23.99 -7.03 -2.58
C THR A 162 24.15 -6.29 -3.89
N THR A 163 24.27 -7.00 -5.00
CA THR A 163 24.35 -6.34 -6.30
C THR A 163 23.32 -6.95 -7.22
N THR A 164 22.90 -6.16 -8.21
CA THR A 164 22.02 -6.60 -9.28
C THR A 164 22.79 -7.28 -10.40
N VAL A 165 24.12 -7.23 -10.38
CA VAL A 165 24.94 -7.73 -11.48
C VAL A 165 25.19 -9.22 -11.29
N GLY A 166 24.70 -10.02 -12.25
CA GLY A 166 24.99 -11.44 -12.29
C GLY A 166 24.41 -12.21 -11.11
N THR A 167 23.27 -11.76 -10.62
CA THR A 167 22.64 -12.42 -9.50
C THR A 167 21.23 -12.88 -9.89
N GLN A 168 20.50 -13.41 -8.92
CA GLN A 168 19.16 -13.95 -9.14
C GLN A 168 18.18 -13.19 -8.28
N ILE A 169 16.93 -13.16 -8.69
CA ILE A 169 15.85 -12.75 -7.80
C ILE A 169 15.12 -14.02 -7.37
N VAL A 170 14.75 -14.10 -6.09
CA VAL A 170 14.21 -15.35 -5.54
C VAL A 170 13.00 -15.00 -4.72
N ALA A 171 12.03 -15.89 -4.73
CA ALA A 171 10.93 -15.89 -3.78
C ALA A 171 10.90 -17.28 -3.16
N LYS A 172 10.95 -17.36 -1.83
CA LYS A 172 10.93 -18.67 -1.18
C LYS A 172 9.91 -18.64 -0.04
N SER A 173 8.97 -19.59 -0.06
CA SER A 173 7.93 -19.52 0.97
C SER A 173 8.56 -19.81 2.33
N ILE A 174 8.16 -19.03 3.34
CA ILE A 174 8.75 -19.25 4.66
C ILE A 174 7.98 -20.33 5.40
N TYR A 175 6.77 -20.65 4.95
CA TYR A 175 5.95 -21.74 5.46
C TYR A 175 5.52 -22.62 4.30
N GLY A 176 5.00 -23.80 4.64
CA GLY A 176 4.64 -24.76 3.60
C GLY A 176 3.40 -24.33 2.83
N VAL A 177 3.42 -24.52 1.50
CA VAL A 177 2.23 -24.28 0.68
C VAL A 177 1.32 -25.50 0.71
N ALA A 178 0.05 -25.33 0.32
CA ALA A 178 -0.88 -26.45 0.31
C ALA A 178 -0.54 -27.45 -0.77
N ILE A 179 -0.23 -26.98 -1.98
CA ILE A 179 0.07 -27.89 -3.08
C ILE A 179 1.26 -27.32 -3.84
N GLY A 180 2.40 -27.98 -3.74
CA GLY A 180 3.59 -27.49 -4.42
C GLY A 180 3.48 -27.57 -5.93
N GLN A 181 4.27 -26.73 -6.64
CA GLN A 181 4.33 -26.76 -8.11
C GLN A 181 5.77 -26.85 -8.57
N ASN A 182 6.05 -27.84 -9.40
CA ASN A 182 7.30 -27.93 -10.16
C ASN A 182 6.94 -27.52 -11.58
N GLN A 183 7.38 -26.32 -11.99
CA GLN A 183 7.08 -25.76 -13.29
C GLN A 183 8.34 -25.11 -13.79
N GLN A 184 8.89 -25.61 -14.91
CA GLN A 184 10.11 -25.01 -15.41
CA GLN A 184 10.10 -25.02 -15.46
C GLN A 184 9.90 -23.55 -15.82
N THR A 185 8.66 -23.15 -16.14
CA THR A 185 8.33 -21.75 -16.42
C THR A 185 7.04 -21.41 -15.68
N ALA A 186 7.10 -20.37 -14.86
CA ALA A 186 5.95 -19.98 -14.05
C ALA A 186 6.07 -18.52 -13.68
N GLY A 187 4.94 -17.86 -13.45
CA GLY A 187 4.98 -16.46 -13.08
C GLY A 187 4.98 -16.27 -11.59
N LEU A 188 5.38 -15.08 -11.15
CA LEU A 188 5.32 -14.70 -9.74
C LEU A 188 4.36 -13.54 -9.56
N PHE A 189 3.53 -13.58 -8.52
CA PHE A 189 2.72 -12.44 -8.14
C PHE A 189 2.82 -12.25 -6.64
N VAL A 190 3.24 -11.06 -6.18
CA VAL A 190 3.35 -10.79 -4.74
C VAL A 190 2.86 -9.37 -4.48
N LEU A 191 2.10 -9.17 -3.40
CA LEU A 191 1.72 -7.80 -3.06
C LEU A 191 2.94 -7.00 -2.59
N SER A 192 2.89 -5.65 -2.71
CA SER A 192 4.07 -4.86 -2.39
C SER A 192 4.17 -4.47 -0.92
N THR A 193 3.16 -4.74 -0.09
CA THR A 193 3.28 -4.48 1.35
C THR A 193 4.12 -5.58 1.99
N GLY A 194 5.26 -5.23 2.55
CA GLY A 194 6.16 -6.21 3.15
C GLY A 194 6.06 -6.27 4.66
N ILE A 195 6.39 -7.45 5.23
CA ILE A 195 6.71 -7.59 6.65
C ILE A 195 8.13 -8.13 6.73
N VAL A 196 8.74 -8.14 7.94
CA VAL A 196 10.08 -8.73 8.03
C VAL A 196 9.97 -10.16 8.59
N SER A 197 10.85 -11.04 8.11
CA SER A 197 10.83 -12.42 8.58
C SER A 197 11.46 -12.51 9.97
N THR A 198 10.77 -13.20 10.87
CA THR A 198 11.29 -13.55 12.19
C THR A 198 10.63 -14.86 12.59
N SER A 199 11.22 -15.52 13.59
CA SER A 199 10.55 -16.62 14.26
C SER A 199 10.67 -16.38 15.76
N GLY A 200 9.68 -16.83 16.50
CA GLY A 200 9.61 -16.43 17.88
C GLY A 200 9.11 -15.00 18.04
N PRO A 201 9.12 -14.52 19.29
CA PRO A 201 8.50 -13.23 19.62
C PRO A 201 9.37 -12.01 19.41
N ASN A 202 10.67 -12.16 19.23
CA ASN A 202 11.60 -11.04 19.26
C ASN A 202 11.55 -10.19 18.00
N ALA A 203 11.63 -8.88 18.19
CA ALA A 203 11.97 -7.98 17.11
C ALA A 203 13.45 -8.10 16.81
N THR A 204 13.81 -7.89 15.54
CA THR A 204 15.21 -7.84 15.14
C THR A 204 15.68 -6.38 14.96
N THR A 205 16.91 -6.20 14.46
CA THR A 205 17.43 -4.88 14.20
C THR A 205 16.56 -4.15 13.17
N TYR A 206 16.77 -2.83 13.06
CA TYR A 206 16.05 -2.11 12.02
C TYR A 206 16.36 -2.74 10.66
N THR A 207 15.35 -2.79 9.79
CA THR A 207 15.48 -3.60 8.56
C THR A 207 15.09 -2.78 7.33
N PRO A 208 15.87 -2.82 6.25
CA PRO A 208 17.17 -3.52 6.10
C PRO A 208 18.33 -2.80 6.76
N GLN A 209 19.28 -3.57 7.28
CA GLN A 209 20.56 -3.02 7.70
C GLN A 209 21.31 -2.55 6.46
N PRO A 210 22.25 -1.63 6.64
CA PRO A 210 23.00 -1.12 5.46
C PRO A 210 23.60 -2.20 4.61
N ASN A 211 24.19 -3.25 5.20
CA ASN A 211 24.85 -4.22 4.32
C ASN A 211 23.90 -5.24 3.72
N SER A 212 22.60 -5.08 3.93
CA SER A 212 21.60 -5.93 3.32
C SER A 212 20.97 -5.30 2.07
N ILE A 213 21.24 -4.04 1.80
CA ILE A 213 20.57 -3.33 0.72
C ILE A 213 21.27 -3.66 -0.61
N VAL A 214 20.46 -3.92 -1.64
CA VAL A 214 20.91 -4.27 -2.99
C VAL A 214 20.90 -3.01 -3.84
N VAL A 215 22.02 -2.70 -4.52
CA VAL A 215 22.00 -1.54 -5.40
C VAL A 215 22.52 -1.93 -6.79
N ALA A 216 22.14 -1.11 -7.78
CA ALA A 216 22.51 -1.31 -9.16
C ALA A 216 23.77 -0.52 -9.51
N PRO A 217 24.48 -0.94 -10.54
CA PRO A 217 25.70 -0.24 -10.95
C PRO A 217 25.45 1.25 -11.11
N GLY A 218 26.41 2.05 -10.61
CA GLY A 218 26.30 3.48 -10.74
C GLY A 218 25.60 4.18 -9.59
N THR A 219 24.97 3.43 -8.70
CA THR A 219 24.32 4.06 -7.56
C THR A 219 25.34 4.80 -6.72
N PRO A 220 25.13 6.09 -6.44
CA PRO A 220 26.03 6.80 -5.52
C PRO A 220 25.78 6.40 -4.08
N ALA A 221 26.86 6.39 -3.31
CA ALA A 221 26.79 6.09 -1.90
C ALA A 221 26.50 7.37 -1.11
N ALA A 222 25.87 7.21 0.04
CA ALA A 222 25.78 8.29 1.02
C ALA A 222 26.91 8.08 2.02
N ALA A 223 27.98 8.84 1.90
CA ALA A 223 29.05 8.62 2.87
C ALA A 223 29.01 9.71 3.93
N PRO A 224 29.50 9.43 5.13
CA PRO A 224 29.52 10.46 6.16
C PRO A 224 30.49 11.58 5.76
N ILE A 225 30.21 12.77 6.27
CA ILE A 225 31.06 13.95 6.07
C ILE A 225 31.29 14.54 7.45
N GLY A 226 32.43 14.22 8.06
CA GLY A 226 32.65 14.66 9.43
C GLY A 226 31.58 14.11 10.33
N ARG A 227 30.95 15.02 11.08
CA ARG A 227 29.87 14.61 11.97
C ARG A 227 28.54 14.52 11.24
N ASN A 228 28.48 14.93 9.98
CA ASN A 228 27.24 14.79 9.20
C ASN A 228 27.14 13.36 8.70
N VAL A 229 26.10 12.64 9.12
CA VAL A 229 25.93 11.25 8.72
C VAL A 229 24.59 11.10 8.02
N PRO A 230 24.50 10.22 7.04
CA PRO A 230 23.22 10.00 6.38
C PRO A 230 22.22 9.39 7.34
N VAL A 231 20.95 9.61 7.04
CA VAL A 231 19.88 9.19 7.92
C VAL A 231 18.84 8.47 7.09
N MET A 232 18.18 7.48 7.69
CA MET A 232 17.01 6.87 7.08
C MET A 232 15.77 7.24 7.89
N PHE A 233 14.60 7.01 7.27
CA PHE A 233 13.32 7.31 7.89
C PHE A 233 12.73 6.01 8.38
N SER A 234 12.29 5.97 9.63
CA SER A 234 11.95 4.72 10.30
CA SER A 234 11.95 4.73 10.33
C SER A 234 10.47 4.72 10.68
N GLY A 235 9.82 3.57 10.47
CA GLY A 235 8.45 3.37 10.94
C GLY A 235 8.32 1.95 11.43
N VAL A 236 7.23 1.69 12.14
CA VAL A 236 7.00 0.36 12.70
C VAL A 236 6.48 -0.54 11.60
N ILE A 237 7.03 -1.75 11.50
CA ILE A 237 6.58 -2.71 10.50
C ILE A 237 6.22 -4.02 11.20
N ARG A 238 5.41 -4.84 10.51
CA ARG A 238 5.10 -6.13 11.09
C ARG A 238 6.25 -7.12 10.93
N ARG A 239 6.23 -8.15 11.77
CA ARG A 239 7.20 -9.23 11.68
C ARG A 239 6.48 -10.55 11.73
N ALA A 240 7.05 -11.54 11.03
CA ALA A 240 6.29 -12.76 10.80
C ALA A 240 6.07 -13.57 12.08
N GLY A 241 7.03 -13.58 13.01
CA GLY A 241 6.97 -14.45 14.19
C GLY A 241 6.00 -14.01 15.27
N ASP A 242 5.65 -12.69 15.33
CA ASP A 242 4.63 -12.14 16.27
C ASP A 242 3.88 -11.08 15.46
N ILE A 243 2.93 -11.56 14.65
CA ILE A 243 2.31 -10.72 13.64
C ILE A 243 1.43 -9.67 14.27
N ASN A 244 1.02 -9.85 15.52
CA ASN A 244 0.19 -8.83 16.16
C ASN A 244 1.00 -7.74 16.84
N ALA A 245 2.33 -7.90 16.95
CA ALA A 245 3.13 -6.85 17.56
C ALA A 245 3.07 -5.57 16.73
N GLY A 246 2.96 -4.44 17.43
CA GLY A 246 3.03 -3.16 16.76
C GLY A 246 3.86 -2.19 17.58
N ALA A 247 3.52 -0.91 17.49
CA ALA A 247 4.26 0.12 18.22
C ALA A 247 4.14 -0.10 19.71
N GLY A 248 5.28 -0.20 20.40
CA GLY A 248 5.33 -0.37 21.84
C GLY A 248 5.08 -1.77 22.34
N SER A 249 5.11 -2.75 21.45
CA SER A 249 4.89 -4.14 21.84
C SER A 249 5.77 -4.55 23.02
N VAL A 250 5.18 -5.31 23.93
CA VAL A 250 5.91 -5.83 25.07
C VAL A 250 7.04 -6.76 24.62
N ASN A 251 6.93 -7.35 23.43
CA ASN A 251 7.97 -8.22 22.88
C ASN A 251 9.06 -7.44 22.13
N GLY A 252 9.02 -6.12 22.12
CA GLY A 252 9.94 -5.27 21.38
C GLY A 252 9.30 -4.71 20.12
N THR A 253 9.67 -3.50 19.74
CA THR A 253 9.10 -2.85 18.56
C THR A 253 10.03 -3.05 17.35
N GLN A 254 9.45 -3.43 16.21
CA GLN A 254 10.20 -3.69 14.99
C GLN A 254 10.15 -2.49 14.07
N TYR A 255 11.33 -2.01 13.64
CA TYR A 255 11.40 -0.86 12.75
C TYR A 255 11.85 -1.27 11.36
N GLY A 256 11.26 -0.63 10.36
CA GLY A 256 11.74 -0.72 8.98
C GLY A 256 12.17 0.67 8.56
N VAL A 257 13.17 0.73 7.70
CA VAL A 257 13.73 2.01 7.26
C VAL A 257 13.65 2.17 5.75
N GLY A 258 13.54 3.44 5.34
CA GLY A 258 13.63 3.83 3.95
C GLY A 258 14.53 5.03 3.83
N SER A 259 15.09 5.21 2.64
CA SER A 259 16.00 6.33 2.42
C SER A 259 15.31 7.67 2.25
N GLN A 260 14.02 7.69 1.92
CA GLN A 260 13.31 8.94 1.63
C GLN A 260 11.85 8.80 2.06
N PRO A 261 11.20 9.88 2.46
CA PRO A 261 9.73 9.83 2.51
C PRO A 261 9.19 9.72 1.09
N ILE A 262 8.18 8.88 0.92
CA ILE A 262 7.72 8.58 -0.43
C ILE A 262 7.16 9.83 -1.06
N SER A 263 6.65 10.77 -0.25
CA SER A 263 6.20 12.03 -0.83
C SER A 263 7.34 12.82 -1.41
N VAL A 264 8.55 12.71 -0.83
CA VAL A 264 9.74 13.32 -1.42
C VAL A 264 10.11 12.63 -2.73
N THR A 265 10.17 11.29 -2.71
CA THR A 265 10.48 10.54 -3.91
C THR A 265 9.55 10.96 -5.04
N LEU A 266 8.26 11.00 -4.74
CA LEU A 266 7.29 11.34 -5.77
C LEU A 266 7.54 12.73 -6.33
N GLN A 267 7.75 13.72 -5.46
CA GLN A 267 8.00 15.09 -5.93
CA GLN A 267 7.98 15.07 -5.96
C GLN A 267 9.26 15.15 -6.78
N LEU A 268 10.31 14.43 -6.38
CA LEU A 268 11.56 14.48 -7.14
C LEU A 268 11.41 13.84 -8.51
N SER A 269 10.47 12.90 -8.66
CA SER A 269 10.25 12.24 -9.94
C SER A 269 9.40 13.08 -10.87
N LEU A 270 8.71 14.09 -10.34
CA LEU A 270 7.82 14.95 -11.12
C LEU A 270 8.45 16.28 -11.50
N THR A 271 9.50 16.70 -10.81
CA THR A 271 10.11 18.00 -10.99
C THR A 271 11.61 17.81 -10.89
N ASN A 272 12.35 18.47 -11.78
CA ASN A 272 13.80 18.40 -11.78
C ASN A 272 14.35 19.56 -10.96
N TYR A 273 15.23 19.25 -9.99
CA TYR A 273 15.73 20.28 -9.08
C TYR A 273 17.20 20.59 -9.31
N SER A 274 17.76 20.22 -10.47
CA SER A 274 19.20 20.39 -10.65
C SER A 274 19.62 21.85 -10.58
N SER A 275 18.72 22.79 -10.85
CA SER A 275 19.12 24.19 -10.78
C SER A 275 19.10 24.73 -9.36
N SER A 276 18.60 23.97 -8.38
CA SER A 276 18.44 24.52 -7.05
C SER A 276 19.45 23.99 -6.05
N LEU A 277 20.28 23.03 -6.44
CA LEU A 277 21.28 22.46 -5.54
C LEU A 277 22.34 21.79 -6.40
N GLN A 278 23.60 21.96 -6.02
CA GLN A 278 24.73 21.41 -6.75
C GLN A 278 25.60 20.55 -5.82
N PRO A 279 26.42 19.67 -6.40
CA PRO A 279 27.34 18.87 -5.58
C PRO A 279 28.09 19.71 -4.56
N GLY A 280 28.22 19.17 -3.35
CA GLY A 280 28.88 19.88 -2.27
C GLY A 280 27.98 20.72 -1.40
N GLN A 281 26.68 20.74 -1.69
CA GLN A 281 25.73 21.53 -0.92
C GLN A 281 24.66 20.63 -0.30
N PHE A 282 24.07 21.11 0.79
CA PHE A 282 22.82 20.57 1.35
C PHE A 282 21.75 21.64 1.22
N PHE A 283 20.50 21.23 1.00
CA PHE A 283 19.41 22.08 1.40
C PHE A 283 19.04 21.66 2.81
N VAL A 284 18.95 22.64 3.73
CA VAL A 284 18.82 22.36 5.14
C VAL A 284 17.46 22.81 5.65
N TRP A 285 16.86 21.99 6.52
CA TRP A 285 15.66 22.33 7.28
C TRP A 285 15.96 22.22 8.77
N GLN A 286 15.23 23.01 9.56
CA GLN A 286 15.30 22.89 11.00
C GLN A 286 14.09 22.13 11.50
N LEU A 287 14.34 21.10 12.31
CA LEU A 287 13.31 20.38 13.03
C LEU A 287 13.24 20.88 14.47
N ASN A 288 12.12 21.49 14.85
CA ASN A 288 11.96 22.04 16.19
C ASN A 288 11.15 21.07 17.05
N PHE A 289 11.74 20.62 18.13
CA PHE A 289 11.09 19.73 19.08
C PHE A 289 10.62 20.54 20.30
N ALA A 290 9.93 19.85 21.21
CA ALA A 290 9.50 20.50 22.43
C ALA A 290 10.66 21.12 23.19
N SER A 291 11.81 20.46 23.23
CA SER A 291 12.92 20.97 24.01
C SER A 291 14.24 20.76 23.28
N GLY A 292 14.30 21.26 22.06
CA GLY A 292 15.54 21.28 21.33
C GLY A 292 15.25 21.32 19.84
N PHE A 293 16.30 21.16 19.06
CA PHE A 293 16.12 21.13 17.61
C PHE A 293 17.34 20.49 16.97
N LEU A 294 17.15 20.05 15.73
CA LEU A 294 18.25 19.58 14.92
C LEU A 294 18.02 20.01 13.48
N GLU A 295 19.09 20.04 12.71
CA GLU A 295 19.03 20.36 11.29
C GLU A 295 19.17 19.08 10.50
N ILE A 296 18.43 19.00 9.40
CA ILE A 296 18.50 17.88 8.46
C ILE A 296 18.82 18.46 7.10
N GLY A 297 19.73 17.81 6.38
CA GLY A 297 20.14 18.28 5.08
C GLY A 297 19.83 17.26 4.01
N LEU A 298 19.53 17.75 2.82
CA LEU A 298 19.32 16.92 1.63
C LEU A 298 20.42 17.22 0.60
N ASN A 299 21.04 16.17 0.06
CA ASN A 299 22.07 16.37 -0.97
C ASN A 299 21.53 16.03 -2.35
N VAL A 300 22.35 16.27 -3.39
CA VAL A 300 21.86 16.20 -4.77
C VAL A 300 21.57 14.79 -5.18
N ASP A 301 22.10 13.81 -4.45
CA ASP A 301 21.82 12.42 -4.76
C ASP A 301 20.54 11.94 -4.11
N GLY A 302 19.85 12.80 -3.38
CA GLY A 302 18.59 12.52 -2.74
C GLY A 302 18.71 11.93 -1.36
N TYR A 303 19.89 11.96 -0.78
CA TYR A 303 20.06 11.41 0.55
C TYR A 303 19.93 12.50 1.59
N PHE A 304 19.38 12.16 2.74
CA PHE A 304 19.25 13.08 3.87
C PHE A 304 20.35 12.81 4.91
N TYR A 305 20.73 13.87 5.64
CA TYR A 305 21.84 13.79 6.59
C TYR A 305 21.43 14.51 7.87
N ILE A 306 22.04 14.12 9.00
CA ILE A 306 21.91 14.83 10.26
C ILE A 306 23.26 14.85 10.94
N GLY A 307 23.41 15.77 11.90
CA GLY A 307 24.72 15.88 12.53
C GLY A 307 24.92 14.98 13.73
N ALA A 308 24.64 13.69 13.59
CA ALA A 308 24.66 12.80 14.73
C ALA A 308 26.06 12.24 15.04
N GLY A 309 27.02 12.40 14.16
CA GLY A 309 28.32 11.83 14.48
C GLY A 309 28.21 10.31 14.60
N ALA A 310 29.05 9.74 15.47
CA ALA A 310 29.07 8.28 15.63
C ALA A 310 28.05 7.90 16.69
N SER A 311 26.79 8.04 16.29
CA SER A 311 25.66 7.59 17.09
C SER A 311 24.66 6.99 16.13
N SER A 312 24.13 5.83 16.48
CA SER A 312 23.05 5.25 15.68
C SER A 312 21.77 5.16 16.51
N ASN A 313 21.67 5.90 17.62
CA ASN A 313 20.43 5.91 18.38
C ASN A 313 19.34 6.58 17.56
N MET A 314 18.18 5.94 17.52
CA MET A 314 17.05 6.52 16.82
C MET A 314 16.67 7.85 17.43
N ILE A 315 16.16 8.75 16.60
CA ILE A 315 15.58 10.00 17.08
C ILE A 315 14.07 9.88 16.91
N GLU A 316 13.34 9.78 18.02
CA GLU A 316 11.89 9.71 17.96
C GLU A 316 11.32 11.06 17.54
N LEU A 317 10.26 11.02 16.74
CA LEU A 317 9.66 12.24 16.24
C LEU A 317 8.40 12.62 17.02
N THR A 318 8.12 11.89 18.09
CA THR A 318 6.94 12.13 18.90
C THR A 318 6.79 13.59 19.30
N GLU A 319 7.88 14.24 19.70
CA GLU A 319 7.80 15.61 20.19
C GLU A 319 8.19 16.64 19.14
N LEU A 320 8.19 16.25 17.88
CA LEU A 320 8.46 17.21 16.83
C LEU A 320 7.30 18.17 16.71
N ILE A 321 7.58 19.47 16.70
CA ILE A 321 6.56 20.49 16.56
C ILE A 321 6.42 20.96 15.12
N ASP A 322 7.53 21.36 14.49
CA ASP A 322 7.42 21.77 13.10
C ASP A 322 8.77 21.69 12.39
N VAL A 323 8.71 21.83 11.07
CA VAL A 323 9.84 21.81 10.18
C VAL A 323 9.88 23.18 9.50
N ARG A 324 11.05 23.81 9.51
CA ARG A 324 11.20 25.14 8.90
C ARG A 324 12.41 25.12 7.98
N PRO A 325 12.30 25.61 6.75
CA PRO A 325 13.46 25.63 5.87
C PRO A 325 14.52 26.62 6.34
N VAL A 326 15.76 26.26 6.10
CA VAL A 326 16.90 27.09 6.42
C VAL A 326 17.55 27.65 5.14
N GLY A 327 17.80 26.78 4.15
CA GLY A 327 18.38 27.18 2.90
C GLY A 327 19.59 26.32 2.55
N VAL A 328 20.32 26.76 1.52
CA VAL A 328 21.45 26.01 0.99
C VAL A 328 22.69 26.30 1.84
N ARG A 329 23.41 25.25 2.20
CA ARG A 329 24.60 25.33 3.03
C ARG A 329 25.65 24.37 2.48
N PRO A 330 26.94 24.60 2.79
CA PRO A 330 27.96 23.64 2.37
C PRO A 330 27.77 22.33 3.10
N ASN A 331 28.02 21.22 2.41
CA ASN A 331 27.80 19.95 3.09
C ASN A 331 28.90 19.66 4.12
N THR A 332 29.95 20.48 4.16
CA THR A 332 30.98 20.33 5.19
C THR A 332 30.71 21.14 6.44
N SER A 333 29.69 21.99 6.46
CA SER A 333 29.29 22.64 7.70
C SER A 333 28.48 21.67 8.54
N THR A 334 28.83 21.57 9.82
CA THR A 334 28.18 20.60 10.70
C THR A 334 26.72 20.96 10.89
N LEU A 335 25.84 19.98 10.64
CA LEU A 335 24.42 20.15 10.92
C LEU A 335 24.20 20.19 12.43
N VAL A 336 23.42 21.17 12.89
CA VAL A 336 23.24 21.36 14.32
C VAL A 336 22.43 20.21 14.91
N PHE A 337 22.89 19.72 16.05
CA PHE A 337 22.22 18.64 16.78
C PHE A 337 22.13 19.13 18.23
N ASN A 338 20.95 19.64 18.60
CA ASN A 338 20.76 20.31 19.88
C ASN A 338 19.54 19.74 20.57
N LEU A 339 19.60 18.44 20.90
CA LEU A 339 18.52 17.78 21.62
C LEU A 339 18.85 17.51 23.09
N VAL B 4 -5.86 22.97 12.66
CA VAL B 4 -5.49 23.84 11.55
C VAL B 4 -6.65 23.98 10.54
N GLU B 5 -6.87 25.21 10.06
CA GLU B 5 -7.94 25.52 9.12
C GLU B 5 -7.33 26.06 7.83
N SER B 6 -7.98 25.75 6.70
CA SER B 6 -7.56 26.29 5.41
C SER B 6 -8.67 27.13 4.81
N ALA B 7 -8.28 28.23 4.18
CA ALA B 7 -9.26 29.12 3.58
C ALA B 7 -9.68 28.67 2.19
N SER B 8 -8.90 27.78 1.54
CA SER B 8 -9.22 27.47 0.16
C SER B 8 -9.06 26.00 -0.15
N PRO B 9 -10.13 25.36 -0.64
CA PRO B 9 -10.02 23.99 -1.13
C PRO B 9 -9.24 23.85 -2.41
N ALA B 10 -8.76 24.94 -3.02
CA ALA B 10 -8.21 24.83 -4.37
C ALA B 10 -7.10 23.79 -4.46
N GLY B 11 -6.29 23.67 -3.40
CA GLY B 11 -5.15 22.79 -3.48
C GLY B 11 -5.47 21.31 -3.43
N LEU B 12 -6.72 20.95 -3.11
CA LEU B 12 -7.06 19.54 -2.94
C LEU B 12 -6.97 18.77 -4.24
N LEU B 13 -7.19 19.42 -5.37
CA LEU B 13 -7.15 18.75 -6.65
C LEU B 13 -6.16 19.50 -7.52
N THR B 14 -5.07 18.83 -7.89
CA THR B 14 -4.05 19.42 -8.74
C THR B 14 -3.78 18.47 -9.89
N THR B 15 -3.03 18.95 -10.87
CA THR B 15 -2.86 18.16 -12.08
C THR B 15 -2.29 16.77 -11.80
N PRO B 16 -1.23 16.60 -11.01
CA PRO B 16 -0.67 15.25 -10.80
C PRO B 16 -1.66 14.24 -10.24
N VAL B 17 -2.59 14.69 -9.41
CA VAL B 17 -3.57 13.78 -8.82
C VAL B 17 -4.31 13.00 -9.91
N LEU B 18 -4.61 13.64 -11.04
CA LEU B 18 -5.40 12.99 -12.08
C LEU B 18 -4.62 12.63 -13.34
N THR B 19 -3.32 12.89 -13.41
CA THR B 19 -2.58 12.54 -14.62
C THR B 19 -1.59 11.41 -14.36
N GLY B 20 -1.75 10.70 -13.25
CA GLY B 20 -1.01 9.47 -13.05
C GLY B 20 -0.36 9.32 -11.69
N ALA B 21 -0.25 10.39 -10.91
CA ALA B 21 0.32 10.29 -9.56
C ALA B 21 -0.74 10.14 -8.47
N GLY B 22 -2.01 10.04 -8.83
CA GLY B 22 -3.05 9.88 -7.83
C GLY B 22 -3.40 8.43 -7.61
N SER B 23 -3.96 8.13 -6.44
CA SER B 23 -4.44 6.78 -6.15
C SER B 23 -5.79 6.88 -5.49
N ASP B 24 -6.63 5.86 -5.70
CA ASP B 24 -7.95 5.95 -5.08
C ASP B 24 -7.91 5.46 -3.63
N ASN B 25 -8.94 5.88 -2.86
CA ASN B 25 -8.97 5.67 -1.42
C ASN B 25 -9.58 4.32 -0.99
N ARG B 26 -9.91 3.43 -1.94
CA ARG B 26 -10.39 2.09 -1.58
C ARG B 26 -9.42 0.99 -1.99
N TRP B 27 -8.85 1.09 -3.18
CA TRP B 27 -7.91 0.09 -3.69
C TRP B 27 -6.47 0.56 -3.71
N GLY B 28 -6.24 1.86 -3.62
CA GLY B 28 -4.90 2.40 -3.77
C GLY B 28 -4.39 2.30 -5.20
N ALA B 29 -5.27 2.13 -6.16
CA ALA B 29 -4.86 1.98 -7.56
C ALA B 29 -4.60 3.33 -8.21
N GLN B 30 -3.73 3.33 -9.23
CA GLN B 30 -3.43 4.56 -9.95
C GLN B 30 -4.68 5.07 -10.63
N ILE B 31 -5.04 6.32 -10.39
CA ILE B 31 -6.28 6.87 -10.96
C ILE B 31 -6.05 7.12 -12.45
N VAL B 32 -6.86 6.49 -13.30
CA VAL B 32 -6.77 6.68 -14.75
C VAL B 32 -8.10 7.04 -15.38
N ALA B 33 -9.20 7.08 -14.61
CA ALA B 33 -10.51 7.38 -15.20
C ALA B 33 -11.45 7.91 -14.13
N LEU B 34 -12.52 8.55 -14.59
CA LEU B 34 -13.62 8.97 -13.75
C LEU B 34 -14.83 8.08 -14.05
N GLN B 35 -15.52 7.65 -13.00
CA GLN B 35 -16.71 6.81 -13.16
C GLN B 35 -17.94 7.55 -12.66
N PRO B 36 -18.78 8.10 -13.55
CA PRO B 36 -20.01 8.74 -13.09
C PRO B 36 -20.97 7.73 -12.49
N VAL B 37 -21.70 8.17 -11.48
CA VAL B 37 -22.70 7.33 -10.83
C VAL B 37 -24.03 8.05 -10.83
N PRO B 38 -24.80 7.98 -11.92
CA PRO B 38 -25.99 8.84 -12.00
C PRO B 38 -27.05 8.55 -10.94
N SER B 39 -27.10 7.35 -10.39
CA SER B 39 -28.09 7.12 -9.35
C SER B 39 -27.61 7.47 -7.94
N GLY B 40 -26.35 7.87 -7.80
CA GLY B 40 -25.81 8.25 -6.51
C GLY B 40 -25.23 7.06 -5.79
N PHE B 41 -24.51 7.37 -4.70
CA PHE B 41 -23.92 6.32 -3.88
C PHE B 41 -23.55 6.93 -2.55
N SER B 42 -23.15 6.08 -1.60
CA SER B 42 -22.62 6.53 -0.31
C SER B 42 -21.29 5.83 -0.09
N THR B 43 -20.42 6.49 0.64
CA THR B 43 -19.17 5.85 1.07
C THR B 43 -18.76 6.53 2.36
N CYS B 44 -18.33 5.75 3.35
CA CYS B 44 -17.75 6.36 4.54
C CYS B 44 -16.32 5.92 4.85
N ASN B 45 -15.92 4.71 4.49
CA ASN B 45 -14.65 4.20 4.96
C ASN B 45 -13.52 4.86 4.20
N ARG B 46 -12.55 5.40 4.93
CA ARG B 46 -11.44 6.13 4.35
C ARG B 46 -11.94 7.26 3.47
N HIS B 47 -13.07 7.82 3.84
CA HIS B 47 -13.63 8.98 3.19
C HIS B 47 -13.77 10.09 4.21
N TRP B 48 -13.22 11.28 3.90
CA TRP B 48 -13.25 12.39 4.85
C TRP B 48 -14.10 13.51 4.26
N ASN B 49 -14.72 14.28 5.15
CA ASN B 49 -15.48 15.45 4.72
C ASN B 49 -14.68 16.72 4.95
N LEU B 50 -15.30 17.86 4.66
CA LEU B 50 -14.59 19.13 4.76
C LEU B 50 -14.62 19.71 6.19
N ASN B 51 -15.12 18.95 7.15
CA ASN B 51 -15.10 19.29 8.56
C ASN B 51 -14.15 18.36 9.31
N GLY B 52 -13.12 17.90 8.63
CA GLY B 52 -12.11 17.08 9.28
C GLY B 52 -12.57 15.75 9.82
N SER B 53 -13.71 15.22 9.35
CA SER B 53 -14.30 14.05 9.99
C SER B 53 -14.58 12.91 9.02
N THR B 54 -14.59 11.68 9.58
CA THR B 54 -14.99 10.50 8.83
C THR B 54 -16.10 9.80 9.58
N PHE B 55 -16.98 9.14 8.83
CA PHE B 55 -17.97 8.22 9.39
C PHE B 55 -17.50 6.79 9.36
N GLY B 56 -16.32 6.54 8.81
CA GLY B 56 -15.79 5.20 8.64
C GLY B 56 -14.86 4.75 9.75
N TRP B 57 -14.13 3.68 9.48
CA TRP B 57 -13.31 3.02 10.49
C TRP B 57 -11.83 2.97 10.09
N SER B 58 -11.41 3.68 9.06
CA SER B 58 -10.05 3.53 8.54
C SER B 58 -9.33 4.86 8.45
N SER B 59 -8.02 4.81 8.62
CA SER B 59 -7.23 6.02 8.43
C SER B 59 -6.89 6.23 6.96
N PRO B 60 -6.49 7.45 6.62
CA PRO B 60 -6.12 7.79 5.23
C PRO B 60 -4.76 7.27 4.83
N ARG B 61 -4.63 5.96 4.92
CA ARG B 61 -3.36 5.27 4.88
C ARG B 61 -3.72 3.82 4.62
N PHE B 62 -2.86 3.11 3.92
CA PHE B 62 -2.99 1.67 3.73
C PHE B 62 -1.86 0.98 4.48
N SER B 63 -2.20 0.05 5.36
CA SER B 63 -1.17 -0.75 6.00
C SER B 63 -1.63 -2.19 6.06
N ASP B 64 -2.34 -2.55 7.11
CA ASP B 64 -2.79 -3.92 7.21
C ASP B 64 -4.05 -3.95 8.07
N ILE B 65 -4.69 -5.11 8.04
CA ILE B 65 -5.96 -5.35 8.72
C ILE B 65 -5.66 -6.34 9.83
N ASP B 66 -5.95 -5.97 11.07
CA ASP B 66 -5.66 -6.85 12.20
CA ASP B 66 -5.67 -6.86 12.20
C ASP B 66 -6.85 -6.79 13.14
N HIS B 67 -7.38 -7.95 13.51
CA HIS B 67 -8.45 -8.01 14.50
C HIS B 67 -8.01 -9.06 15.50
N PRO B 68 -8.11 -8.78 16.80
CA PRO B 68 -7.56 -9.69 17.81
C PRO B 68 -8.46 -10.83 18.25
N ARG B 69 -9.72 -10.91 17.84
CA ARG B 69 -10.63 -11.85 18.52
C ARG B 69 -11.79 -12.22 17.60
N GLY B 70 -11.63 -13.31 16.86
CA GLY B 70 -12.71 -13.87 16.09
C GLY B 70 -12.73 -15.37 16.25
N ASN B 71 -13.69 -16.00 15.60
CA ASN B 71 -13.79 -17.46 15.58
C ASN B 71 -13.16 -17.92 14.27
N ALA B 72 -12.30 -18.96 14.33
CA ALA B 72 -11.74 -19.54 13.12
C ALA B 72 -12.21 -20.98 12.98
N SER B 73 -12.54 -21.38 11.75
CA SER B 73 -13.02 -22.74 11.54
C SER B 73 -12.73 -23.20 10.12
N TYR B 74 -12.79 -24.52 9.92
CA TYR B 74 -12.72 -25.02 8.55
C TYR B 74 -13.75 -26.13 8.41
N THR B 75 -14.06 -26.48 7.16
CA THR B 75 -14.88 -27.65 6.89
C THR B 75 -14.11 -28.62 6.01
N GLY B 76 -14.44 -29.88 6.12
CA GLY B 76 -13.76 -30.92 5.36
C GLY B 76 -13.68 -32.20 6.17
N THR B 77 -13.50 -33.32 5.45
CA THR B 77 -13.30 -34.58 6.13
C THR B 77 -11.90 -34.70 6.72
N GLY B 78 -10.94 -33.96 6.18
CA GLY B 78 -9.60 -33.90 6.72
C GLY B 78 -9.30 -32.45 7.08
N SER B 79 -8.06 -32.22 7.53
CA SER B 79 -7.67 -30.89 7.95
C SER B 79 -6.72 -30.19 6.98
N THR B 80 -6.46 -30.79 5.79
CA THR B 80 -5.49 -30.24 4.85
C THR B 80 -6.17 -29.87 3.55
N ASN B 81 -5.73 -28.76 2.93
CA ASN B 81 -6.34 -28.21 1.72
C ASN B 81 -7.84 -27.95 1.91
N VAL B 82 -8.15 -27.15 2.93
CA VAL B 82 -9.53 -26.90 3.34
C VAL B 82 -9.82 -25.40 3.32
N ILE B 83 -11.10 -25.06 3.24
CA ILE B 83 -11.52 -23.67 3.27
C ILE B 83 -11.61 -23.20 4.73
N GLU B 84 -10.97 -22.07 5.04
CA GLU B 84 -10.90 -21.51 6.38
C GLU B 84 -11.80 -20.28 6.47
N THR B 85 -12.64 -20.18 7.51
CA THR B 85 -13.49 -19.02 7.71
C THR B 85 -13.17 -18.40 9.06
N TRP B 86 -13.08 -17.07 9.10
CA TRP B 86 -12.89 -16.31 10.32
C TRP B 86 -14.03 -15.31 10.40
N TYR B 87 -14.60 -15.07 11.58
CA TYR B 87 -15.60 -14.02 11.68
C TYR B 87 -15.63 -13.44 13.09
N ALA B 88 -16.16 -12.24 13.15
CA ALA B 88 -16.43 -11.54 14.40
C ALA B 88 -17.62 -10.62 14.15
N ASN B 89 -18.19 -10.11 15.23
CA ASN B 89 -19.22 -9.07 15.10
C ASN B 89 -18.61 -7.72 14.80
N THR B 90 -19.37 -6.90 14.09
CA THR B 90 -18.99 -5.50 14.06
C THR B 90 -19.07 -4.92 15.47
N GLY B 91 -18.30 -3.87 15.69
CA GLY B 91 -18.29 -3.22 16.97
C GLY B 91 -17.33 -3.81 17.96
N THR B 92 -16.45 -4.72 17.52
CA THR B 92 -15.54 -5.40 18.44
C THR B 92 -14.09 -5.10 18.14
N ALA B 93 -13.80 -4.13 17.28
CA ALA B 93 -12.41 -3.81 16.95
C ALA B 93 -11.88 -2.78 17.96
N THR B 94 -11.65 -3.27 19.18
CA THR B 94 -11.46 -2.37 20.31
C THR B 94 -10.12 -1.66 20.27
N ASN B 95 -9.18 -2.17 19.50
CA ASN B 95 -7.86 -1.55 19.38
C ASN B 95 -7.78 -0.56 18.21
N ASN B 96 -8.92 -0.19 17.62
CA ASN B 96 -8.94 0.78 16.53
C ASN B 96 -9.32 2.12 17.11
N PRO B 97 -8.44 3.12 17.09
CA PRO B 97 -8.77 4.41 17.71
C PRO B 97 -9.81 5.20 16.95
N ILE B 98 -9.97 4.96 15.65
CA ILE B 98 -10.96 5.68 14.88
C ILE B 98 -12.37 5.23 15.23
N SER B 99 -12.59 3.92 15.38
CA SER B 99 -13.94 3.39 15.50
C SER B 99 -13.81 1.93 15.87
N ASN B 100 -14.72 1.40 16.70
CA ASN B 100 -14.67 -0.04 16.93
C ASN B 100 -15.50 -0.84 15.95
N ILE B 101 -16.07 -0.20 14.92
CA ILE B 101 -16.90 -0.94 13.96
C ILE B 101 -16.12 -2.10 13.35
N ALA B 102 -14.90 -1.84 12.89
CA ALA B 102 -14.13 -2.86 12.19
C ALA B 102 -12.67 -2.43 12.20
N PRO B 103 -11.75 -3.36 11.95
CA PRO B 103 -10.34 -2.98 11.95
C PRO B 103 -10.09 -1.93 10.91
N ASP B 104 -9.13 -1.06 11.20
CA ASP B 104 -8.64 -0.09 10.25
C ASP B 104 -8.20 -0.83 8.98
N GLY B 105 -8.75 -0.42 7.82
CA GLY B 105 -8.43 -1.08 6.55
C GLY B 105 -9.42 -2.15 6.12
N PHE B 106 -10.29 -2.60 7.01
CA PHE B 106 -11.21 -3.63 6.59
C PHE B 106 -12.09 -3.07 5.47
N PRO B 107 -12.34 -3.84 4.39
CA PRO B 107 -12.99 -3.24 3.22
C PRO B 107 -14.48 -3.02 3.44
N ASP B 108 -14.99 -1.93 2.89
CA ASP B 108 -16.40 -1.57 3.01
C ASP B 108 -17.24 -2.24 1.94
N MET B 109 -17.12 -3.56 1.85
CA MET B 109 -17.79 -4.34 0.81
C MET B 109 -18.48 -5.53 1.46
N GLY B 110 -19.51 -6.03 0.78
CA GLY B 110 -20.23 -7.19 1.31
C GLY B 110 -19.51 -8.48 1.01
N ALA B 111 -19.56 -9.41 1.96
CA ALA B 111 -18.95 -10.71 1.78
C ALA B 111 -19.96 -11.64 1.11
N ILE B 112 -19.58 -12.22 0.00
CA ILE B 112 -20.48 -13.08 -0.77
C ILE B 112 -20.18 -14.52 -0.38
N GLY B 113 -21.23 -15.30 -0.09
CA GLY B 113 -21.00 -16.68 0.30
C GLY B 113 -20.61 -17.54 -0.89
N PHE B 114 -19.92 -18.65 -0.59
CA PHE B 114 -19.56 -19.60 -1.63
C PHE B 114 -19.27 -20.93 -0.98
N SER B 115 -19.42 -21.99 -1.78
CA SER B 115 -19.10 -23.33 -1.32
C SER B 115 -18.88 -24.22 -2.55
N GLY B 116 -18.41 -25.44 -2.29
CA GLY B 116 -18.26 -26.42 -3.34
C GLY B 116 -17.51 -25.98 -4.58
N GLN B 117 -16.31 -25.45 -4.38
CA GLN B 117 -15.35 -25.27 -5.48
C GLN B 117 -15.78 -24.21 -6.48
N THR B 118 -16.78 -23.38 -6.19
CA THR B 118 -17.01 -22.15 -6.94
C THR B 118 -16.64 -20.98 -6.05
N ILE B 119 -16.16 -19.90 -6.64
CA ILE B 119 -15.94 -18.71 -5.82
C ILE B 119 -16.73 -17.54 -6.40
N PRO B 120 -17.02 -16.55 -5.58
CA PRO B 120 -17.90 -15.47 -5.99
C PRO B 120 -17.18 -14.50 -6.92
N THR B 121 -17.98 -13.82 -7.74
CA THR B 121 -17.49 -12.73 -8.57
C THR B 121 -17.72 -11.44 -7.82
N GLY B 122 -16.67 -10.62 -7.72
CA GLY B 122 -16.84 -9.24 -7.32
C GLY B 122 -16.60 -8.96 -5.86
N GLY B 123 -16.06 -9.92 -5.12
CA GLY B 123 -15.74 -9.69 -3.72
C GLY B 123 -14.32 -9.13 -3.55
N TRP B 124 -14.08 -8.49 -2.41
CA TRP B 124 -12.75 -8.00 -2.06
C TRP B 124 -11.92 -9.15 -1.51
N VAL B 125 -10.74 -9.36 -2.08
CA VAL B 125 -9.87 -10.45 -1.68
C VAL B 125 -8.54 -9.87 -1.24
N GLY B 126 -8.01 -10.37 -0.12
CA GLY B 126 -6.70 -9.97 0.34
C GLY B 126 -5.96 -11.19 0.84
N PHE B 127 -4.67 -11.03 1.00
CA PHE B 127 -3.82 -12.14 1.41
C PHE B 127 -3.57 -12.03 2.91
N GLY B 128 -3.70 -13.15 3.62
CA GLY B 128 -3.48 -13.09 5.04
C GLY B 128 -3.59 -14.45 5.68
N GLU B 129 -3.85 -14.42 6.97
CA GLU B 129 -3.75 -15.64 7.78
C GLU B 129 -4.54 -15.42 9.07
N VAL B 130 -4.76 -16.49 9.82
CA VAL B 130 -5.23 -16.30 11.18
C VAL B 130 -4.06 -16.56 12.14
N TRP B 131 -4.15 -16.05 13.35
CA TRP B 131 -3.01 -16.13 14.26
C TRP B 131 -3.48 -16.43 15.67
N ASN B 132 -2.49 -16.81 16.48
CA ASN B 132 -2.70 -17.40 17.80
C ASN B 132 -2.75 -16.29 18.84
N VAL B 133 -3.89 -16.16 19.51
CA VAL B 133 -4.05 -15.05 20.44
C VAL B 133 -3.25 -15.23 21.72
N ALA B 134 -2.72 -16.42 21.97
CA ALA B 134 -1.88 -16.60 23.16
C ALA B 134 -0.56 -15.85 23.03
N ASN B 135 0.03 -15.82 21.82
CA ASN B 135 1.37 -15.27 21.69
C ASN B 135 1.61 -14.50 20.40
N GLY B 136 0.59 -14.26 19.58
CA GLY B 136 0.79 -13.55 18.33
C GLY B 136 1.42 -14.36 17.21
N SER B 137 1.75 -15.60 17.43
CA SER B 137 2.36 -16.34 16.33
C SER B 137 1.30 -16.73 15.29
N PRO B 138 1.65 -16.71 14.01
CA PRO B 138 0.69 -17.17 12.99
C PRO B 138 0.38 -18.63 13.10
N TYR B 139 -0.85 -18.99 12.73
CA TYR B 139 -1.12 -20.37 12.33
C TYR B 139 -0.66 -20.45 10.88
N ASN B 140 0.59 -20.85 10.68
CA ASN B 140 1.19 -20.54 9.39
C ASN B 140 0.67 -21.43 8.27
N GLY B 141 -0.12 -22.45 8.58
CA GLY B 141 -0.82 -23.22 7.57
C GLY B 141 -2.15 -22.64 7.14
N THR B 142 -2.51 -21.46 7.63
CA THR B 142 -3.76 -20.82 7.22
C THR B 142 -3.53 -19.67 6.25
N VAL B 143 -2.31 -19.45 5.78
CA VAL B 143 -2.11 -18.38 4.81
C VAL B 143 -2.91 -18.66 3.54
N GLN B 144 -3.62 -17.65 3.03
CA GLN B 144 -4.29 -17.83 1.76
C GLN B 144 -4.76 -16.46 1.29
N ALA B 145 -5.40 -16.48 0.12
CA ALA B 145 -6.23 -15.37 -0.32
C ALA B 145 -7.60 -15.53 0.33
N TYR B 146 -8.07 -14.48 1.00
CA TYR B 146 -9.35 -14.51 1.71
C TYR B 146 -10.29 -13.47 1.14
N GLU B 147 -11.55 -13.84 0.95
CA GLU B 147 -12.56 -12.81 0.68
C GLU B 147 -12.93 -12.18 2.01
N LEU B 148 -12.91 -10.85 2.10
CA LEU B 148 -13.31 -10.16 3.34
C LEU B 148 -14.53 -9.31 3.05
N GLY B 149 -15.44 -9.20 4.03
CA GLY B 149 -16.50 -8.24 3.85
C GLY B 149 -17.45 -8.33 5.02
N PHE B 150 -18.53 -7.55 4.93
CA PHE B 150 -19.59 -7.55 5.94
C PHE B 150 -20.69 -8.50 5.53
N ALA B 151 -21.29 -9.19 6.50
CA ALA B 151 -22.25 -10.22 6.12
C ALA B 151 -23.17 -10.48 7.30
N THR B 152 -24.20 -11.27 7.01
CA THR B 152 -24.94 -11.97 8.04
C THR B 152 -24.82 -13.45 7.75
N GLY B 153 -25.12 -14.27 8.76
CA GLY B 153 -25.17 -15.70 8.53
C GLY B 153 -23.87 -16.45 8.64
N ALA B 154 -22.79 -15.83 9.10
CA ALA B 154 -21.53 -16.55 9.19
C ALA B 154 -21.62 -17.55 10.33
N PRO B 155 -20.97 -18.72 10.20
CA PRO B 155 -20.10 -19.12 9.11
C PRO B 155 -20.81 -19.93 8.02
N ASN B 156 -21.99 -20.46 8.26
CA ASN B 156 -22.54 -21.47 7.34
C ASN B 156 -23.60 -20.95 6.37
N SER B 157 -23.99 -19.69 6.45
CA SER B 157 -25.01 -19.18 5.54
C SER B 157 -24.71 -17.73 5.18
N ILE B 158 -23.48 -17.48 4.73
CA ILE B 158 -22.99 -16.11 4.55
C ILE B 158 -23.78 -15.41 3.45
N ASN B 159 -24.28 -14.22 3.75
CA ASN B 159 -24.95 -13.36 2.75
C ASN B 159 -24.45 -11.94 2.92
N PRO B 160 -24.13 -11.22 1.85
CA PRO B 160 -23.54 -9.88 2.02
C PRO B 160 -24.46 -8.93 2.76
N ALA B 161 -23.86 -8.03 3.54
CA ALA B 161 -24.60 -6.94 4.18
C ALA B 161 -24.07 -5.60 3.67
N THR B 162 -24.92 -4.56 3.76
CA THR B 162 -24.53 -3.21 3.40
C THR B 162 -24.54 -2.26 4.58
N THR B 163 -24.78 -2.77 5.79
CA THR B 163 -24.76 -1.92 6.98
C THR B 163 -23.78 -2.51 7.96
N THR B 164 -23.22 -1.64 8.81
CA THR B 164 -22.37 -2.03 9.91
C THR B 164 -23.16 -2.42 11.14
N VAL B 165 -24.48 -2.22 11.12
CA VAL B 165 -25.29 -2.37 12.32
C VAL B 165 -25.76 -3.82 12.41
N GLY B 166 -25.35 -4.51 13.47
CA GLY B 166 -25.85 -5.87 13.67
C GLY B 166 -25.38 -6.87 12.64
N THR B 167 -24.19 -6.68 12.08
CA THR B 167 -23.69 -7.59 11.08
C THR B 167 -22.37 -8.17 11.58
N GLN B 168 -21.76 -9.02 10.74
CA GLN B 168 -20.47 -9.64 11.02
C GLN B 168 -19.43 -9.16 10.03
N ILE B 169 -18.17 -9.20 10.43
CA ILE B 169 -17.06 -9.08 9.48
C ILE B 169 -16.51 -10.48 9.31
N VAL B 170 -16.29 -10.88 8.08
CA VAL B 170 -15.98 -12.26 7.73
C VAL B 170 -14.78 -12.26 6.82
N ALA B 171 -13.95 -13.29 6.97
CA ALA B 171 -12.85 -13.58 6.06
C ALA B 171 -12.97 -15.05 5.70
N LYS B 172 -13.02 -15.37 4.41
CA LYS B 172 -13.15 -16.79 4.05
C LYS B 172 -12.21 -17.10 2.91
N SER B 173 -11.37 -18.13 3.05
CA SER B 173 -10.34 -18.33 2.03
C SER B 173 -11.00 -18.77 0.72
N ILE B 174 -10.54 -18.21 -0.41
CA ILE B 174 -11.16 -18.61 -1.67
C ILE B 174 -10.54 -19.87 -2.24
N TYR B 175 -9.38 -20.27 -1.73
CA TYR B 175 -8.70 -21.51 -2.07
C TYR B 175 -8.38 -22.23 -0.76
N GLY B 176 -7.97 -23.49 -0.86
CA GLY B 176 -7.74 -24.27 0.35
C GLY B 176 -6.43 -23.88 1.05
N VAL B 177 -6.47 -23.82 2.40
CA VAL B 177 -5.28 -23.60 3.22
C VAL B 177 -4.55 -24.93 3.42
N ALA B 178 -3.28 -24.83 3.80
CA ALA B 178 -2.47 -26.04 4.00
C ALA B 178 -2.97 -26.84 5.20
N ILE B 179 -3.22 -26.16 6.32
CA ILE B 179 -3.63 -26.86 7.54
C ILE B 179 -4.73 -26.01 8.18
N GLY B 180 -5.96 -26.54 8.20
CA GLY B 180 -7.05 -25.78 8.80
C GLY B 180 -6.93 -25.64 10.30
N GLN B 181 -7.65 -24.65 10.84
CA GLN B 181 -7.69 -24.40 12.29
C GLN B 181 -9.13 -24.22 12.72
N ASN B 182 -9.57 -24.99 13.73
CA ASN B 182 -10.83 -24.75 14.45
C ASN B 182 -10.44 -24.15 15.79
N GLN B 183 -10.58 -22.84 15.94
CA GLN B 183 -10.16 -22.19 17.18
C GLN B 183 -11.31 -21.35 17.72
N GLN B 184 -11.59 -21.51 19.01
CA GLN B 184 -12.60 -20.68 19.65
C GLN B 184 -12.30 -19.21 19.46
N THR B 185 -11.02 -18.86 19.58
CA THR B 185 -10.58 -17.49 19.41
C THR B 185 -9.33 -17.50 18.56
N ALA B 186 -9.31 -16.68 17.52
CA ALA B 186 -8.10 -16.52 16.73
C ALA B 186 -8.10 -15.11 16.19
N GLY B 187 -6.91 -14.61 15.89
CA GLY B 187 -6.79 -13.30 15.31
C GLY B 187 -6.77 -13.37 13.79
N LEU B 188 -7.06 -12.23 13.17
CA LEU B 188 -7.01 -12.07 11.72
C LEU B 188 -5.88 -11.12 11.37
N PHE B 189 -5.13 -11.44 10.30
CA PHE B 189 -4.17 -10.49 9.75
C PHE B 189 -4.24 -10.55 8.23
N VAL B 190 -4.59 -9.43 7.56
CA VAL B 190 -4.69 -9.41 6.10
C VAL B 190 -4.03 -8.14 5.62
N LEU B 191 -3.35 -8.18 4.47
CA LEU B 191 -2.84 -6.91 3.92
C LEU B 191 -4.00 -6.05 3.40
N SER B 192 -3.82 -4.71 3.41
CA SER B 192 -4.96 -3.82 3.16
CA SER B 192 -4.94 -3.79 3.15
C SER B 192 -5.20 -3.52 1.67
N THR B 193 -4.34 -3.97 0.78
CA THR B 193 -4.53 -3.73 -0.64
C THR B 193 -5.13 -4.99 -1.26
N GLY B 194 -6.33 -4.85 -1.81
CA GLY B 194 -7.10 -5.99 -2.26
C GLY B 194 -7.00 -6.21 -3.77
N ILE B 195 -7.49 -7.39 -4.17
CA ILE B 195 -7.79 -7.73 -5.55
C ILE B 195 -9.27 -8.09 -5.58
N VAL B 196 -9.86 -8.19 -6.78
CA VAL B 196 -11.26 -8.58 -6.85
C VAL B 196 -11.38 -10.08 -7.16
N SER B 197 -12.34 -10.74 -6.52
CA SER B 197 -12.53 -12.17 -6.78
C SER B 197 -13.18 -12.38 -8.17
N THR B 198 -12.54 -13.24 -8.95
CA THR B 198 -13.11 -13.65 -10.24
C THR B 198 -12.70 -15.09 -10.49
N SER B 199 -13.40 -15.70 -11.45
CA SER B 199 -13.12 -17.05 -11.94
C SER B 199 -12.92 -16.97 -13.44
N GLY B 200 -11.95 -17.72 -13.96
CA GLY B 200 -11.67 -17.65 -15.37
C GLY B 200 -11.03 -16.33 -15.74
N PRO B 201 -10.94 -16.05 -17.04
CA PRO B 201 -10.17 -14.88 -17.51
C PRO B 201 -10.90 -13.54 -17.51
N ASN B 202 -12.23 -13.50 -17.39
CA ASN B 202 -12.98 -12.28 -17.67
C ASN B 202 -12.88 -11.26 -16.53
N ALA B 203 -12.77 -9.99 -16.88
CA ALA B 203 -13.01 -8.91 -15.93
C ALA B 203 -14.49 -8.85 -15.59
N THR B 204 -14.81 -8.27 -14.44
CA THR B 204 -16.21 -8.02 -14.12
C THR B 204 -16.48 -6.50 -14.17
N THR B 205 -17.68 -6.07 -13.73
CA THR B 205 -17.97 -4.65 -13.70
C THR B 205 -17.04 -3.93 -12.73
N TYR B 206 -17.03 -2.58 -12.78
CA TYR B 206 -16.21 -1.87 -11.82
C TYR B 206 -16.64 -2.23 -10.40
N THR B 207 -15.66 -2.31 -9.50
CA THR B 207 -15.88 -2.89 -8.19
C THR B 207 -15.39 -1.94 -7.11
N PRO B 208 -16.19 -1.68 -6.07
CA PRO B 208 -17.57 -2.18 -5.84
C PRO B 208 -18.60 -1.37 -6.61
N GLN B 209 -19.70 -2.03 -6.98
CA GLN B 209 -20.87 -1.32 -7.42
C GLN B 209 -21.53 -0.58 -6.26
N PRO B 210 -22.25 0.51 -6.54
CA PRO B 210 -22.88 1.27 -5.46
C PRO B 210 -23.74 0.43 -4.53
N ASN B 211 -24.42 -0.58 -5.05
CA ASN B 211 -25.34 -1.31 -4.19
C ASN B 211 -24.63 -2.27 -3.26
N SER B 212 -23.31 -2.34 -3.28
CA SER B 212 -22.66 -3.27 -2.37
CA SER B 212 -22.56 -3.27 -2.46
C SER B 212 -21.69 -2.59 -1.42
N ILE B 213 -21.66 -1.25 -1.37
CA ILE B 213 -20.81 -0.52 -0.45
C ILE B 213 -21.44 -0.54 0.94
N VAL B 214 -20.63 -0.83 1.95
CA VAL B 214 -21.08 -0.88 3.33
C VAL B 214 -20.89 0.49 3.97
N VAL B 215 -21.94 1.02 4.62
CA VAL B 215 -21.76 2.28 5.35
C VAL B 215 -22.27 2.15 6.77
N ALA B 216 -21.76 3.01 7.62
CA ALA B 216 -22.06 3.21 9.03
C ALA B 216 -23.22 4.18 9.22
N PRO B 217 -23.92 4.07 10.34
CA PRO B 217 -25.03 4.99 10.62
C PRO B 217 -24.58 6.44 10.54
N GLY B 218 -25.39 7.26 9.89
CA GLY B 218 -25.12 8.68 9.78
C GLY B 218 -24.38 9.08 8.54
N THR B 219 -23.88 8.11 7.77
CA THR B 219 -23.15 8.44 6.56
C THR B 219 -24.06 9.21 5.62
N PRO B 220 -23.67 10.39 5.15
CA PRO B 220 -24.50 11.07 4.15
C PRO B 220 -24.32 10.47 2.78
N ALA B 221 -25.40 10.50 2.00
CA ALA B 221 -25.34 9.97 0.64
C ALA B 221 -24.89 11.05 -0.33
N ALA B 222 -24.33 10.63 -1.44
CA ALA B 222 -24.07 11.54 -2.55
C ALA B 222 -25.22 11.32 -3.53
N ALA B 223 -26.14 12.29 -3.56
CA ALA B 223 -27.31 12.17 -4.42
C ALA B 223 -27.15 13.08 -5.63
N PRO B 224 -27.72 12.71 -6.76
CA PRO B 224 -27.67 13.59 -7.93
C PRO B 224 -28.44 14.89 -7.64
N ILE B 225 -28.01 15.95 -8.30
CA ILE B 225 -28.63 17.27 -8.21
C ILE B 225 -28.76 17.73 -9.65
N GLY B 226 -29.95 17.52 -10.24
CA GLY B 226 -30.11 17.81 -11.66
C GLY B 226 -29.18 16.97 -12.52
N ARG B 227 -28.44 17.62 -13.41
CA ARG B 227 -27.49 16.91 -14.25
C ARG B 227 -26.14 16.70 -13.57
N ASN B 228 -25.96 17.22 -12.35
CA ASN B 228 -24.72 17.02 -11.61
C ASN B 228 -24.83 15.69 -10.88
N VAL B 229 -23.94 14.75 -11.19
CA VAL B 229 -24.05 13.42 -10.60
C VAL B 229 -22.74 13.13 -9.87
N PRO B 230 -22.75 12.34 -8.82
CA PRO B 230 -21.50 11.99 -8.15
C PRO B 230 -20.60 11.13 -9.02
N VAL B 231 -19.30 11.21 -8.76
CA VAL B 231 -18.32 10.50 -9.55
C VAL B 231 -17.38 9.74 -8.61
N MET B 232 -16.92 8.59 -9.05
CA MET B 232 -15.85 7.88 -8.37
C MET B 232 -14.58 7.92 -9.21
N PHE B 233 -13.46 7.60 -8.58
CA PHE B 233 -12.16 7.60 -9.22
C PHE B 233 -11.76 6.17 -9.49
N SER B 234 -11.40 5.87 -10.73
CA SER B 234 -11.20 4.50 -11.19
CA SER B 234 -11.21 4.50 -11.17
C SER B 234 -9.74 4.25 -11.49
N GLY B 235 -9.29 3.04 -11.14
CA GLY B 235 -7.97 2.57 -11.52
C GLY B 235 -8.05 1.09 -11.80
N VAL B 236 -7.01 0.57 -12.41
CA VAL B 236 -6.97 -0.84 -12.77
C VAL B 236 -6.55 -1.64 -11.56
N ILE B 237 -7.29 -2.73 -11.28
CA ILE B 237 -6.96 -3.56 -10.13
C ILE B 237 -6.79 -4.98 -10.61
N ARG B 238 -6.08 -5.78 -9.81
CA ARG B 238 -5.90 -7.20 -10.12
C ARG B 238 -7.18 -7.99 -9.85
N ARG B 239 -7.28 -9.14 -10.48
CA ARG B 239 -8.40 -10.03 -10.23
C ARG B 239 -7.89 -11.46 -10.11
N ALA B 240 -8.59 -12.24 -9.28
CA ALA B 240 -8.03 -13.51 -8.86
C ALA B 240 -7.90 -14.51 -10.00
N GLY B 241 -8.82 -14.47 -10.97
CA GLY B 241 -8.91 -15.51 -11.99
C GLY B 241 -7.85 -15.42 -13.06
N ASP B 242 -7.35 -14.19 -13.35
CA ASP B 242 -6.25 -13.94 -14.33
C ASP B 242 -5.37 -12.92 -13.64
N ILE B 243 -4.48 -13.41 -12.78
CA ILE B 243 -3.78 -12.52 -11.88
C ILE B 243 -2.77 -11.68 -12.65
N ASN B 244 -2.39 -12.11 -13.86
CA ASN B 244 -1.42 -11.34 -14.62
C ASN B 244 -2.06 -10.22 -15.40
N ALA B 245 -3.40 -10.20 -15.52
CA ALA B 245 -4.04 -9.16 -16.31
C ALA B 245 -3.76 -7.78 -15.71
N GLY B 246 -3.52 -6.81 -16.59
CA GLY B 246 -3.36 -5.44 -16.13
C GLY B 246 -4.07 -4.51 -17.09
N ALA B 247 -3.60 -3.28 -17.22
CA ALA B 247 -4.29 -2.31 -18.06
C ALA B 247 -4.20 -2.71 -19.52
N GLY B 248 -5.35 -2.79 -20.19
CA GLY B 248 -5.39 -3.13 -21.59
C GLY B 248 -5.28 -4.60 -21.88
N SER B 249 -5.42 -5.46 -20.87
CA SER B 249 -5.34 -6.90 -21.08
C SER B 249 -6.25 -7.36 -22.21
N VAL B 250 -5.75 -8.31 -23.00
CA VAL B 250 -6.56 -8.91 -24.05
C VAL B 250 -7.79 -9.61 -23.47
N ASN B 251 -7.74 -10.02 -22.21
CA ASN B 251 -8.88 -10.65 -21.54
C ASN B 251 -9.84 -9.64 -20.93
N GLY B 252 -9.59 -8.34 -21.07
CA GLY B 252 -10.46 -7.33 -20.52
C GLY B 252 -9.80 -6.66 -19.32
N THR B 253 -10.07 -5.37 -19.13
CA THR B 253 -9.45 -4.58 -18.08
C THR B 253 -10.40 -4.47 -16.90
N GLN B 254 -9.89 -4.71 -15.69
CA GLN B 254 -10.70 -4.68 -14.48
C GLN B 254 -10.50 -3.37 -13.76
N TYR B 255 -11.59 -2.70 -13.44
CA TYR B 255 -11.50 -1.43 -12.73
C TYR B 255 -11.99 -1.58 -11.29
N GLY B 256 -11.34 -0.83 -10.40
CA GLY B 256 -11.81 -0.64 -9.04
C GLY B 256 -12.06 0.84 -8.87
N VAL B 257 -13.00 1.19 -7.97
CA VAL B 257 -13.39 2.58 -7.79
C VAL B 257 -13.24 2.97 -6.32
N GLY B 258 -12.92 4.24 -6.09
CA GLY B 258 -12.98 4.83 -4.76
C GLY B 258 -13.63 6.20 -4.82
N SER B 259 -14.10 6.67 -3.67
CA SER B 259 -14.84 7.94 -3.64
C SER B 259 -13.93 9.17 -3.70
N GLN B 260 -12.65 9.02 -3.38
CA GLN B 260 -11.74 10.16 -3.29
C GLN B 260 -10.34 9.73 -3.71
N PRO B 261 -9.54 10.65 -4.27
CA PRO B 261 -8.10 10.37 -4.31
C PRO B 261 -7.58 10.39 -2.89
N ILE B 262 -6.70 9.44 -2.58
CA ILE B 262 -6.25 9.32 -1.20
C ILE B 262 -5.48 10.55 -0.76
N SER B 263 -4.82 11.25 -1.69
CA SER B 263 -4.20 12.51 -1.28
C SER B 263 -5.23 13.56 -0.82
N VAL B 264 -6.43 13.55 -1.39
CA VAL B 264 -7.48 14.43 -0.90
C VAL B 264 -7.93 14.00 0.48
N THR B 265 -8.21 12.70 0.65
CA THR B 265 -8.61 12.18 1.95
C THR B 265 -7.60 12.58 3.02
N LEU B 266 -6.32 12.41 2.72
CA LEU B 266 -5.28 12.74 3.69
C LEU B 266 -5.30 14.22 4.03
N GLN B 267 -5.37 15.08 3.02
N GLN B 267 -5.39 15.09 3.03
CA GLN B 267 -5.41 16.52 3.30
CA GLN B 267 -5.39 16.51 3.34
C GLN B 267 -6.63 16.88 4.14
C GLN B 267 -6.65 16.93 4.12
N LEU B 268 -7.80 16.33 3.80
CA LEU B 268 -9.00 16.64 4.57
C LEU B 268 -8.89 16.16 6.00
N SER B 269 -8.10 15.10 6.24
CA SER B 269 -7.95 14.63 7.61
C SER B 269 -7.02 15.52 8.43
N LEU B 270 -6.18 16.32 7.78
CA LEU B 270 -5.16 17.10 8.46
C LEU B 270 -5.58 18.55 8.68
N THR B 271 -6.48 19.05 7.84
CA THR B 271 -6.86 20.44 7.78
C THR B 271 -8.39 20.50 7.78
N ASN B 272 -8.97 21.47 8.47
CA ASN B 272 -10.41 21.64 8.49
C ASN B 272 -10.80 22.70 7.48
N TYR B 273 -11.74 22.36 6.60
CA TYR B 273 -12.17 23.27 5.54
C TYR B 273 -13.58 23.82 5.77
N SER B 274 -14.10 23.73 6.99
CA SER B 274 -15.51 24.02 7.18
C SER B 274 -15.85 25.50 7.01
N SER B 275 -14.87 26.39 6.98
CA SER B 275 -15.16 27.81 6.74
C SER B 275 -15.03 28.22 5.28
N SER B 276 -14.61 27.32 4.40
CA SER B 276 -14.38 27.68 3.01
C SER B 276 -15.45 27.14 2.06
N LEU B 277 -16.40 26.34 2.54
CA LEU B 277 -17.44 25.78 1.69
C LEU B 277 -18.61 25.40 2.58
N GLN B 278 -19.83 25.70 2.15
CA GLN B 278 -21.02 25.42 2.94
C GLN B 278 -21.97 24.51 2.18
N PRO B 279 -22.91 23.88 2.87
CA PRO B 279 -23.93 23.07 2.17
C PRO B 279 -24.59 23.89 1.07
N GLY B 280 -24.87 23.23 -0.06
CA GLY B 280 -25.40 23.94 -1.20
C GLY B 280 -24.37 24.42 -2.19
N GLN B 281 -23.08 24.19 -1.92
CA GLN B 281 -22.02 24.73 -2.75
C GLN B 281 -21.10 23.62 -3.22
N PHE B 282 -20.49 23.82 -4.37
CA PHE B 282 -19.32 23.04 -4.80
C PHE B 282 -18.11 23.96 -4.81
N PHE B 283 -16.93 23.39 -4.55
CA PHE B 283 -15.72 23.97 -5.12
C PHE B 283 -15.48 23.29 -6.45
N VAL B 284 -15.20 24.09 -7.49
CA VAL B 284 -15.18 23.61 -8.85
C VAL B 284 -13.78 23.77 -9.44
N TRP B 285 -13.36 22.78 -10.21
CA TRP B 285 -12.12 22.83 -10.98
C TRP B 285 -12.44 22.53 -12.43
N GLN B 286 -11.61 23.06 -13.32
CA GLN B 286 -11.73 22.72 -14.72
C GLN B 286 -10.68 21.70 -15.09
N LEU B 287 -11.11 20.62 -15.74
CA LEU B 287 -10.21 19.61 -16.29
C LEU B 287 -10.07 19.85 -17.79
N ASN B 288 -8.87 20.22 -18.22
CA ASN B 288 -8.59 20.55 -19.61
C ASN B 288 -7.93 19.38 -20.31
N PHE B 289 -8.63 18.82 -21.29
CA PHE B 289 -8.18 17.71 -22.12
C PHE B 289 -7.67 18.22 -23.45
N ALA B 290 -6.99 17.35 -24.18
CA ALA B 290 -6.50 17.71 -25.50
C ALA B 290 -7.63 18.18 -26.40
N SER B 291 -8.83 17.65 -26.22
CA SER B 291 -9.92 17.82 -27.16
C SER B 291 -11.23 18.24 -26.49
N GLY B 292 -11.17 18.76 -25.27
CA GLY B 292 -12.38 19.26 -24.63
C GLY B 292 -12.08 19.70 -23.21
N PHE B 293 -13.13 19.82 -22.41
CA PHE B 293 -12.92 20.07 -20.99
C PHE B 293 -14.19 19.73 -20.24
N LEU B 294 -14.04 19.53 -18.93
CA LEU B 294 -15.21 19.36 -18.09
C LEU B 294 -14.91 19.97 -16.73
N GLU B 295 -15.97 20.24 -15.98
CA GLU B 295 -15.84 20.77 -14.64
C GLU B 295 -16.13 19.67 -13.62
N ILE B 296 -15.38 19.66 -12.54
CA ILE B 296 -15.64 18.73 -11.44
C ILE B 296 -15.86 19.57 -10.18
N GLY B 297 -16.81 19.14 -9.34
CA GLY B 297 -17.15 19.88 -8.14
C GLY B 297 -16.94 18.99 -6.92
N LEU B 298 -16.58 19.62 -5.80
CA LEU B 298 -16.44 18.93 -4.51
C LEU B 298 -17.45 19.53 -3.54
N ASN B 299 -18.23 18.69 -2.85
CA ASN B 299 -19.21 19.18 -1.89
C ASN B 299 -18.70 18.99 -0.46
N VAL B 300 -19.44 19.53 0.52
CA VAL B 300 -18.88 19.58 1.87
C VAL B 300 -18.80 18.21 2.54
N ASP B 301 -19.49 17.23 1.99
CA ASP B 301 -19.43 15.88 2.52
C ASP B 301 -18.27 15.09 1.94
N GLY B 302 -17.47 15.73 1.08
CA GLY B 302 -16.29 15.08 0.52
C GLY B 302 -16.53 14.38 -0.79
N TYR B 303 -17.71 14.51 -1.37
CA TYR B 303 -17.99 13.80 -2.62
C TYR B 303 -17.73 14.69 -3.82
N PHE B 304 -17.27 14.08 -4.92
CA PHE B 304 -17.02 14.79 -6.17
C PHE B 304 -18.15 14.54 -7.14
N TYR B 305 -18.41 15.54 -7.99
CA TYR B 305 -19.51 15.54 -8.93
C TYR B 305 -19.03 15.98 -10.31
N ILE B 306 -19.72 15.52 -11.35
CA ILE B 306 -19.52 16.05 -12.70
C ILE B 306 -20.89 16.21 -13.35
N GLY B 307 -20.93 16.97 -14.44
CA GLY B 307 -22.20 17.19 -15.12
C GLY B 307 -22.52 16.15 -16.17
N ALA B 308 -22.45 14.87 -15.80
CA ALA B 308 -22.62 13.81 -16.78
C ALA B 308 -24.07 13.47 -17.03
N GLY B 309 -25.00 13.97 -16.20
CA GLY B 309 -26.40 13.65 -16.39
C GLY B 309 -26.64 12.17 -16.24
N ALA B 310 -27.37 11.59 -17.18
CA ALA B 310 -27.75 10.19 -17.09
C ALA B 310 -26.70 9.25 -17.63
N SER B 311 -25.52 9.75 -18.00
CA SER B 311 -24.48 8.92 -18.58
C SER B 311 -23.64 8.26 -17.50
N SER B 312 -23.43 6.96 -17.62
CA SER B 312 -22.53 6.24 -16.73
C SER B 312 -21.26 5.78 -17.44
N ASN B 313 -20.99 6.30 -18.63
CA ASN B 313 -19.77 5.94 -19.34
C ASN B 313 -18.54 6.42 -18.57
N MET B 314 -17.54 5.55 -18.46
CA MET B 314 -16.24 5.95 -17.92
C MET B 314 -15.65 7.07 -18.75
N ILE B 315 -14.92 7.96 -18.08
CA ILE B 315 -14.18 9.04 -18.73
C ILE B 315 -12.71 8.75 -18.50
N GLU B 316 -12.01 8.35 -19.57
CA GLU B 316 -10.58 8.13 -19.47
C GLU B 316 -9.82 9.45 -19.28
N LEU B 317 -8.77 9.42 -18.45
CA LEU B 317 -7.96 10.60 -18.18
C LEU B 317 -6.67 10.61 -19.00
N THR B 318 -6.56 9.73 -20.01
CA THR B 318 -5.34 9.63 -20.81
C THR B 318 -4.94 10.95 -21.42
N GLU B 319 -5.90 11.70 -21.93
CA GLU B 319 -5.60 12.94 -22.63
C GLU B 319 -5.85 14.17 -21.77
N LEU B 320 -5.88 14.00 -20.45
CA LEU B 320 -6.00 15.14 -19.54
C LEU B 320 -4.70 15.93 -19.51
N ILE B 321 -4.80 17.23 -19.71
CA ILE B 321 -3.63 18.10 -19.73
C ILE B 321 -3.41 18.77 -18.39
N ASP B 322 -4.41 19.44 -17.85
CA ASP B 322 -4.19 20.01 -16.53
C ASP B 322 -5.50 20.30 -15.82
N VAL B 323 -5.36 20.59 -14.52
CA VAL B 323 -6.47 20.89 -13.64
C VAL B 323 -6.28 22.32 -13.16
N ARG B 324 -7.33 23.14 -13.30
CA ARG B 324 -7.28 24.55 -12.93
C ARG B 324 -8.45 24.89 -12.00
N PRO B 325 -8.20 25.52 -10.85
CA PRO B 325 -9.31 25.88 -9.95
C PRO B 325 -10.20 26.95 -10.54
N VAL B 326 -11.50 26.83 -10.29
CA VAL B 326 -12.50 27.78 -10.76
C VAL B 326 -13.05 28.61 -9.60
N GLY B 327 -13.53 27.95 -8.54
CA GLY B 327 -13.98 28.62 -7.35
C GLY B 327 -15.27 28.02 -6.84
N VAL B 328 -15.85 28.68 -5.86
CA VAL B 328 -17.07 28.22 -5.21
C VAL B 328 -18.27 28.57 -6.10
N ARG B 329 -19.15 27.60 -6.33
CA ARG B 329 -20.34 27.76 -7.14
CA ARG B 329 -20.34 27.73 -7.16
C ARG B 329 -21.51 27.07 -6.46
N PRO B 330 -22.75 27.45 -6.80
CA PRO B 330 -23.91 26.74 -6.23
C PRO B 330 -23.96 25.32 -6.77
N ASN B 331 -24.37 24.37 -5.94
CA ASN B 331 -24.39 23.00 -6.46
C ASN B 331 -25.54 22.76 -7.43
N THR B 332 -26.43 23.73 -7.63
CA THR B 332 -27.50 23.60 -8.59
C THR B 332 -27.13 24.12 -9.97
N SER B 333 -26.00 24.79 -10.11
CA SER B 333 -25.49 25.17 -11.43
C SER B 333 -24.90 23.95 -12.11
N THR B 334 -25.33 23.70 -13.32
CA THR B 334 -24.87 22.52 -14.03
C THR B 334 -23.37 22.63 -14.33
N LEU B 335 -22.64 21.58 -14.01
CA LEU B 335 -21.22 21.52 -14.30
C LEU B 335 -21.03 21.30 -15.79
N VAL B 336 -20.16 22.09 -16.41
CA VAL B 336 -19.96 21.97 -17.85
C VAL B 336 -19.33 20.63 -18.17
N PHE B 337 -19.84 19.99 -19.22
CA PHE B 337 -19.31 18.73 -19.74
C PHE B 337 -19.15 18.88 -21.26
N ASN B 338 -17.93 19.18 -21.72
CA ASN B 338 -17.68 19.48 -23.12
C ASN B 338 -16.60 18.54 -23.66
N LEU B 339 -16.94 17.26 -23.70
CA LEU B 339 -16.12 16.25 -24.35
C LEU B 339 -16.95 15.66 -25.50
C1 EDO C . -1.82 -22.32 1.12
O1 EDO C . -0.91 -22.52 0.02
C2 EDO C . -1.00 -22.33 2.41
O2 EDO C . -1.92 -22.22 3.50
H11 EDO C . -2.56 -23.13 1.15
H12 EDO C . -2.35 -21.38 1.01
HO1 EDO C . -1.19 -21.97 -0.73
H21 EDO C . -0.31 -21.48 2.42
H22 EDO C . -0.42 -23.24 2.48
HO2 EDO C . -1.46 -21.88 4.27
C1 EDO D . -3.57 -25.51 -8.93
O1 EDO D . -4.50 -24.43 -8.85
C2 EDO D . -3.75 -26.44 -7.73
O2 EDO D . -3.20 -25.83 -6.56
H11 EDO D . -2.54 -25.13 -8.94
H12 EDO D . -3.72 -26.08 -9.85
HO1 EDO D . -4.44 -23.89 -9.65
H21 EDO D . -3.24 -27.40 -7.91
H22 EDO D . -4.81 -26.64 -7.57
HO2 EDO D . -3.71 -26.09 -5.78
C1 EDO E . 8.30 -3.15 -1.64
O1 EDO E . 8.00 -2.71 -2.95
C2 EDO E . 9.80 -2.99 -1.46
O2 EDO E . 10.13 -1.60 -1.42
H11 EDO E . 8.01 -4.20 -1.50
H12 EDO E . 7.76 -2.56 -0.90
HO1 EDO E . 7.08 -2.92 -3.16
H21 EDO E . 10.33 -3.47 -2.29
H22 EDO E . 10.12 -3.47 -0.54
HO2 EDO E . 11.05 -1.47 -1.70
C ACY F . 18.14 -22.73 1.57
O ACY F . 18.97 -23.47 2.18
OXT ACY F . 18.15 -22.38 0.36
CH3 ACY F . 17.02 -22.21 2.45
H1 ACY F . 16.17 -22.39 2.02
H2 ACY F . 17.12 -21.25 2.57
H3 ACY F . 17.06 -22.65 3.31
C ACY G . -21.29 -19.84 2.58
O ACY G . -20.12 -19.46 2.26
OXT ACY G . -22.21 -20.28 1.84
CH3 ACY G . -21.62 -19.68 4.06
H1 ACY G . -21.31 -20.47 4.55
H2 ACY G . -22.58 -19.61 4.16
H3 ACY G . -21.18 -18.89 4.41
C1 EDO H . -25.44 19.67 0.45
O1 EDO H . -24.35 20.25 -0.27
C2 EDO H . -24.90 18.47 1.23
O2 EDO H . -23.50 18.36 0.97
H11 EDO H . -26.22 19.34 -0.24
H12 EDO H . -25.87 20.39 1.13
HO1 EDO H . -24.68 20.93 -0.86
H21 EDO H . -25.41 17.56 0.93
H22 EDO H . -25.07 18.61 2.30
HO2 EDO H . -23.09 17.76 1.60
C1 EDO I . -19.65 19.53 6.72
O1 EDO I . -18.52 18.77 6.31
C2 EDO I . -20.85 18.61 6.87
O2 EDO I . -20.75 17.92 8.12
H11 EDO I . -19.87 20.31 5.98
H12 EDO I . -19.44 20.02 7.66
HO1 EDO I . -17.72 19.32 6.34
H21 EDO I . -20.88 17.89 6.04
H22 EDO I . -21.78 19.19 6.85
HO2 EDO I . -21.46 17.27 8.18
C1 EDO J . -15.55 -8.96 -19.93
O1 EDO J . -15.18 -9.97 -20.87
C2 EDO J . -14.22 -8.31 -19.63
O2 EDO J . -13.31 -9.42 -19.61
H11 EDO J . -16.01 -9.38 -19.04
H12 EDO J . -16.27 -8.24 -20.36
HO1 EDO J . -15.65 -10.79 -20.68
H21 EDO J . -14.24 -7.78 -18.68
H22 EDO J . -13.95 -7.59 -20.41
HO2 EDO J . -12.44 -9.13 -19.93
#